data_6ROU
# 
_entry.id   6ROU 
# 
_audit_conform.dict_name       mmcif_pdbx.dic 
_audit_conform.dict_version    5.391 
_audit_conform.dict_location   http://mmcif.pdb.org/dictionaries/ascii/mmcif_pdbx.dic 
# 
loop_
_database_2.database_id 
_database_2.database_code 
_database_2.pdbx_database_accession 
_database_2.pdbx_DOI 
PDB   6ROU         pdb_00006rou 10.2210/pdb6rou/pdb 
WWPDB D_1292100032 ?            ?                   
# 
loop_
_pdbx_audit_revision_history.ordinal 
_pdbx_audit_revision_history.data_content_type 
_pdbx_audit_revision_history.major_revision 
_pdbx_audit_revision_history.minor_revision 
_pdbx_audit_revision_history.revision_date 
1 'Structure model' 1 0 2020-07-08 
2 'Structure model' 1 1 2021-01-20 
3 'Structure model' 1 2 2024-05-01 
# 
_pdbx_audit_revision_details.ordinal             1 
_pdbx_audit_revision_details.revision_ordinal    1 
_pdbx_audit_revision_details.data_content_type   'Structure model' 
_pdbx_audit_revision_details.provider            repository 
_pdbx_audit_revision_details.type                'Initial release' 
_pdbx_audit_revision_details.description         ? 
_pdbx_audit_revision_details.details             ? 
# 
loop_
_pdbx_audit_revision_group.ordinal 
_pdbx_audit_revision_group.revision_ordinal 
_pdbx_audit_revision_group.data_content_type 
_pdbx_audit_revision_group.group 
1 2 'Structure model' 'Database references'    
2 3 'Structure model' 'Data collection'        
3 3 'Structure model' 'Database references'    
4 3 'Structure model' 'Refinement description' 
# 
loop_
_pdbx_audit_revision_category.ordinal 
_pdbx_audit_revision_category.revision_ordinal 
_pdbx_audit_revision_category.data_content_type 
_pdbx_audit_revision_category.category 
1 2 'Structure model' citation                      
2 2 'Structure model' citation_author               
3 3 'Structure model' chem_comp_atom                
4 3 'Structure model' chem_comp_bond                
5 3 'Structure model' database_2                    
6 3 'Structure model' pdbx_initial_refinement_model 
# 
loop_
_pdbx_audit_revision_item.ordinal 
_pdbx_audit_revision_item.revision_ordinal 
_pdbx_audit_revision_item.data_content_type 
_pdbx_audit_revision_item.item 
1  2 'Structure model' '_citation.journal_abbrev'            
2  2 'Structure model' '_citation.journal_id_CSD'            
3  2 'Structure model' '_citation.journal_id_ISSN'           
4  2 'Structure model' '_citation.journal_volume'            
5  2 'Structure model' '_citation.page_first'                
6  2 'Structure model' '_citation.page_last'                 
7  2 'Structure model' '_citation.pdbx_database_id_DOI'      
8  2 'Structure model' '_citation.pdbx_database_id_PubMed'   
9  2 'Structure model' '_citation.title'                     
10 2 'Structure model' '_citation.year'                      
11 3 'Structure model' '_database_2.pdbx_DOI'                
12 3 'Structure model' '_database_2.pdbx_database_accession' 
# 
_pdbx_database_status.status_code                     REL 
_pdbx_database_status.status_code_sf                  REL 
_pdbx_database_status.status_code_mr                  ? 
_pdbx_database_status.entry_id                        6ROU 
_pdbx_database_status.recvd_initial_deposition_date   2019-05-13 
_pdbx_database_status.SG_entry                        N 
_pdbx_database_status.deposit_site                    PDBE 
_pdbx_database_status.process_site                    PDBE 
_pdbx_database_status.status_code_cs                  ? 
_pdbx_database_status.methods_development_category    ? 
_pdbx_database_status.pdb_format_compatible           Y 
_pdbx_database_status.status_code_nmr_data            ? 
# 
loop_
_audit_author.name 
_audit_author.pdbx_ordinal 
_audit_author.identifier_ORCID 
'Kolenko, P.'   1 0000-0002-4619-9276 
'Svoboda, J.'   2 0000-0003-3056-2357 
'Schneider, B.' 3 0000-0001-7855-3690 
# 
_citation.abstract                  ? 
_citation.abstract_id_CAS           ? 
_citation.book_id_ISBN              ? 
_citation.book_publisher            ? 
_citation.book_publisher_city       ? 
_citation.book_title                ? 
_citation.coordinate_linkage        ? 
_citation.country                   ? 
_citation.database_id_Medline       ? 
_citation.details                   ? 
_citation.id                        primary 
_citation.journal_abbrev            'Acta Crystallogr D Struct Biol' 
_citation.journal_id_ASTM           ? 
_citation.journal_id_CSD            ? 
_citation.journal_id_ISSN           2059-7983 
_citation.journal_full              ? 
_citation.journal_issue             ? 
_citation.journal_volume            76 
_citation.language                  ? 
_citation.page_first                1233 
_citation.page_last                 1243 
_citation.title                     'Structural variability of CG-rich DNA 18-mers accommodating double T-T mismatches.' 
_citation.year                      2020 
_citation.database_id_CSD           ? 
_citation.pdbx_database_id_DOI      10.1107/S2059798320014151 
_citation.pdbx_database_id_PubMed   33263329 
_citation.unpublished_flag          ? 
# 
loop_
_citation_author.citation_id 
_citation_author.name 
_citation_author.ordinal 
_citation_author.identifier_ORCID 
primary 'Kolenko, P.'    1 0000-0002-4619-9276 
primary 'Svoboda, J.'    2 ?                   
primary 'Cerny, J.'      3 0000-0002-1969-9304 
primary 'Charnavets, T.' 4 ?                   
primary 'Schneider, B.'  5 0000-0001-7855-3690 
# 
loop_
_entity.id 
_entity.type 
_entity.src_method 
_entity.pdbx_description 
_entity.formula_weight 
_entity.pdbx_number_of_molecules 
_entity.pdbx_ec 
_entity.pdbx_mutation 
_entity.pdbx_fragment 
_entity.details 
1 polymer     syn 'REP related 18-mer DNA from H. parasuis' 5508.552 1 ? ? ? ? 
2 non-polymer syn 'STRONTIUM ION'                           87.620   2 ? ? ? ? 
# 
_entity_poly.entity_id                      1 
_entity_poly.type                           polydeoxyribonucleotide 
_entity_poly.nstd_linkage                   no 
_entity_poly.nstd_monomer                   no 
_entity_poly.pdbx_seq_one_letter_code       '(DG)(DG)(DT)(DG)(DG)(DG)(DT)(DC)(DT)(DT)(DG)(DA)(DC)(DC)(DC)(DA)(DC)(DC)' 
_entity_poly.pdbx_seq_one_letter_code_can   GGTGGGTCTTGACCCACC 
_entity_poly.pdbx_strand_id                 A 
_entity_poly.pdbx_target_identifier         ? 
# 
_pdbx_entity_nonpoly.entity_id   2 
_pdbx_entity_nonpoly.name        'STRONTIUM ION' 
_pdbx_entity_nonpoly.comp_id     SR 
# 
loop_
_entity_poly_seq.entity_id 
_entity_poly_seq.num 
_entity_poly_seq.mon_id 
_entity_poly_seq.hetero 
1 1  DG n 
1 2  DG n 
1 3  DT n 
1 4  DG n 
1 5  DG n 
1 6  DG n 
1 7  DT n 
1 8  DC n 
1 9  DT n 
1 10 DT n 
1 11 DG n 
1 12 DA n 
1 13 DC n 
1 14 DC n 
1 15 DC n 
1 16 DA n 
1 17 DC n 
1 18 DC n 
# 
_pdbx_entity_src_syn.entity_id              1 
_pdbx_entity_src_syn.pdbx_src_id            1 
_pdbx_entity_src_syn.pdbx_alt_source_flag   sample 
_pdbx_entity_src_syn.pdbx_beg_seq_num       1 
_pdbx_entity_src_syn.pdbx_end_seq_num       18 
_pdbx_entity_src_syn.organism_scientific    'Glaesserella parasuis' 
_pdbx_entity_src_syn.organism_common_name   ? 
_pdbx_entity_src_syn.ncbi_taxonomy_id       738 
_pdbx_entity_src_syn.details                ? 
# 
loop_
_chem_comp.id 
_chem_comp.type 
_chem_comp.mon_nstd_flag 
_chem_comp.name 
_chem_comp.pdbx_synonyms 
_chem_comp.formula 
_chem_comp.formula_weight 
DA 'DNA linking' y "2'-DEOXYADENOSINE-5'-MONOPHOSPHATE" ? 'C10 H14 N5 O6 P' 331.222 
DC 'DNA linking' y "2'-DEOXYCYTIDINE-5'-MONOPHOSPHATE"  ? 'C9 H14 N3 O7 P'  307.197 
DG 'DNA linking' y "2'-DEOXYGUANOSINE-5'-MONOPHOSPHATE" ? 'C10 H14 N5 O7 P' 347.221 
DT 'DNA linking' y "THYMIDINE-5'-MONOPHOSPHATE"         ? 'C10 H15 N2 O8 P' 322.208 
SR non-polymer   . 'STRONTIUM ION'                      ? 'Sr 2'            87.620  
# 
loop_
_pdbx_poly_seq_scheme.asym_id 
_pdbx_poly_seq_scheme.entity_id 
_pdbx_poly_seq_scheme.seq_id 
_pdbx_poly_seq_scheme.mon_id 
_pdbx_poly_seq_scheme.ndb_seq_num 
_pdbx_poly_seq_scheme.pdb_seq_num 
_pdbx_poly_seq_scheme.auth_seq_num 
_pdbx_poly_seq_scheme.pdb_mon_id 
_pdbx_poly_seq_scheme.auth_mon_id 
_pdbx_poly_seq_scheme.pdb_strand_id 
_pdbx_poly_seq_scheme.pdb_ins_code 
_pdbx_poly_seq_scheme.hetero 
A 1 1  DG 1  1  1  DG DG A . n 
A 1 2  DG 2  2  2  DG DG A . n 
A 1 3  DT 3  3  3  DT DT A . n 
A 1 4  DG 4  4  4  DG DG A . n 
A 1 5  DG 5  5  5  DG DG A . n 
A 1 6  DG 6  6  6  DG DG A . n 
A 1 7  DT 7  7  7  DT DT A . n 
A 1 8  DC 8  8  8  DC DC A . n 
A 1 9  DT 9  9  9  DT DT A . n 
A 1 10 DT 10 10 10 DT DT A . n 
A 1 11 DG 11 11 11 DG DG A . n 
A 1 12 DA 12 12 12 DA DA A . n 
A 1 13 DC 13 13 13 DC DC A . n 
A 1 14 DC 14 14 14 DC DC A . n 
A 1 15 DC 15 15 15 DC DC A . n 
A 1 16 DA 16 16 16 DA DA A . n 
A 1 17 DC 17 17 17 DC DC A . n 
A 1 18 DC 18 18 18 DC DC A . n 
# 
loop_
_pdbx_nonpoly_scheme.asym_id 
_pdbx_nonpoly_scheme.entity_id 
_pdbx_nonpoly_scheme.mon_id 
_pdbx_nonpoly_scheme.ndb_seq_num 
_pdbx_nonpoly_scheme.pdb_seq_num 
_pdbx_nonpoly_scheme.auth_seq_num 
_pdbx_nonpoly_scheme.pdb_mon_id 
_pdbx_nonpoly_scheme.auth_mon_id 
_pdbx_nonpoly_scheme.pdb_strand_id 
_pdbx_nonpoly_scheme.pdb_ins_code 
B 2 SR 1 101 21 SR SR A . 
C 2 SR 1 102 22 SR SR A . 
# 
loop_
_software.citation_id 
_software.classification 
_software.compiler_name 
_software.compiler_version 
_software.contact_author 
_software.contact_author_email 
_software.date 
_software.description 
_software.dependencies 
_software.hardware 
_software.language 
_software.location 
_software.mods 
_software.name 
_software.os 
_software.os_version 
_software.type 
_software.version 
_software.pdbx_ordinal 
? refinement       ? ? ? ? ? ? ? ? ? ? ? PHENIX  ? ? ? '(1.14rc3_3199: ???)' 1 
? 'data reduction' ? ? ? ? ? ? ? ? ? ? ? XDS     ? ? ? .                     2 
? 'data scaling'   ? ? ? ? ? ? ? ? ? ? ? Aimless ? ? ? .                     3 
? phasing          ? ? ? ? ? ? ? ? ? ? ? PHASER  ? ? ? .                     4 
# 
_cell.angle_alpha                  90.00 
_cell.angle_alpha_esd              ? 
_cell.angle_beta                   90.00 
_cell.angle_beta_esd               ? 
_cell.angle_gamma                  90.00 
_cell.angle_gamma_esd              ? 
_cell.entry_id                     6ROU 
_cell.details                      ? 
_cell.formula_units_Z              ? 
_cell.length_a                     38.563 
_cell.length_a_esd                 ? 
_cell.length_b                     38.563 
_cell.length_b_esd                 ? 
_cell.length_c                     89.938 
_cell.length_c_esd                 ? 
_cell.volume                       ? 
_cell.volume_esd                   ? 
_cell.Z_PDB                        8 
_cell.reciprocal_angle_alpha       ? 
_cell.reciprocal_angle_beta        ? 
_cell.reciprocal_angle_gamma       ? 
_cell.reciprocal_angle_alpha_esd   ? 
_cell.reciprocal_angle_beta_esd    ? 
_cell.reciprocal_angle_gamma_esd   ? 
_cell.reciprocal_length_a          ? 
_cell.reciprocal_length_b          ? 
_cell.reciprocal_length_c          ? 
_cell.reciprocal_length_a_esd      ? 
_cell.reciprocal_length_b_esd      ? 
_cell.reciprocal_length_c_esd      ? 
_cell.pdbx_unique_axis             ? 
# 
_symmetry.entry_id                         6ROU 
_symmetry.cell_setting                     ? 
_symmetry.Int_Tables_number                96 
_symmetry.space_group_name_Hall            ? 
_symmetry.space_group_name_H-M             'P 43 21 2' 
_symmetry.pdbx_full_space_group_name_H-M   ? 
# 
_exptl.absorpt_coefficient_mu     ? 
_exptl.absorpt_correction_T_max   ? 
_exptl.absorpt_correction_T_min   ? 
_exptl.absorpt_correction_type    ? 
_exptl.absorpt_process_details    ? 
_exptl.entry_id                   6ROU 
_exptl.crystals_number            1 
_exptl.details                    ? 
_exptl.method                     'X-RAY DIFFRACTION' 
_exptl.method_details             ? 
# 
_exptl_crystal.colour                      ? 
_exptl_crystal.density_diffrn              ? 
_exptl_crystal.density_Matthews            3.00 
_exptl_crystal.density_method              ? 
_exptl_crystal.density_percent_sol         58.96 
_exptl_crystal.description                 ? 
_exptl_crystal.F_000                       ? 
_exptl_crystal.id                          1 
_exptl_crystal.preparation                 ? 
_exptl_crystal.size_max                    ? 
_exptl_crystal.size_mid                    ? 
_exptl_crystal.size_min                    ? 
_exptl_crystal.size_rad                    ? 
_exptl_crystal.colour_lustre               ? 
_exptl_crystal.colour_modifier             ? 
_exptl_crystal.colour_primary              ? 
_exptl_crystal.density_meas                ? 
_exptl_crystal.density_meas_esd            ? 
_exptl_crystal.density_meas_gt             ? 
_exptl_crystal.density_meas_lt             ? 
_exptl_crystal.density_meas_temp           ? 
_exptl_crystal.density_meas_temp_esd       ? 
_exptl_crystal.density_meas_temp_gt        ? 
_exptl_crystal.density_meas_temp_lt        ? 
_exptl_crystal.pdbx_crystal_image_url      ? 
_exptl_crystal.pdbx_crystal_image_format   ? 
_exptl_crystal.pdbx_mosaicity              ? 
_exptl_crystal.pdbx_mosaicity_esd          ? 
# 
_exptl_crystal_grow.apparatus       ? 
_exptl_crystal_grow.atmosphere      ? 
_exptl_crystal_grow.crystal_id      1 
_exptl_crystal_grow.details         ? 
_exptl_crystal_grow.method          'VAPOR DIFFUSION, HANGING DROP' 
_exptl_crystal_grow.method_ref      ? 
_exptl_crystal_grow.pH              7.0 
_exptl_crystal_grow.pressure        ? 
_exptl_crystal_grow.pressure_esd    ? 
_exptl_crystal_grow.seeding         ? 
_exptl_crystal_grow.seeding_ref     ? 
_exptl_crystal_grow.temp            297 
_exptl_crystal_grow.temp_details    ? 
_exptl_crystal_grow.temp_esd        ? 
_exptl_crystal_grow.time            ? 
_exptl_crystal_grow.pdbx_details    
;Natrix crystallization screen (Hampton Research)
precipitant 30-32% (+/-)-2-Methyl-2,4-pentanediol
buffer 0.04M  Sodium cacodylate trihydrate
salt 0.04 M Lithium chloride 
0.08 M Strontium chloride hexahydrate
additive 0.012 M spermine tetrahydrochloride
;
_exptl_crystal_grow.pdbx_pH_range   ? 
# 
_diffrn.ambient_environment              ? 
_diffrn.ambient_temp                     100 
_diffrn.ambient_temp_details             ? 
_diffrn.ambient_temp_esd                 ? 
_diffrn.crystal_id                       1 
_diffrn.crystal_support                  ? 
_diffrn.crystal_treatment                ? 
_diffrn.details                          ? 
_diffrn.id                               1 
_diffrn.ambient_pressure                 ? 
_diffrn.ambient_pressure_esd             ? 
_diffrn.ambient_pressure_gt              ? 
_diffrn.ambient_pressure_lt              ? 
_diffrn.ambient_temp_gt                  ? 
_diffrn.ambient_temp_lt                  ? 
_diffrn.pdbx_serial_crystal_experiment   N 
# 
_diffrn_detector.details                      ? 
_diffrn_detector.detector                     PIXEL 
_diffrn_detector.diffrn_id                    1 
_diffrn_detector.type                         'DECTRIS PILATUS 2M' 
_diffrn_detector.area_resol_mean              ? 
_diffrn_detector.dtime                        ? 
_diffrn_detector.pdbx_frames_total            ? 
_diffrn_detector.pdbx_collection_time_total   ? 
_diffrn_detector.pdbx_collection_date         2018-03-08 
_diffrn_detector.pdbx_frequency               ? 
# 
_diffrn_radiation.collimation                      ? 
_diffrn_radiation.diffrn_id                        1 
_diffrn_radiation.filter_edge                      ? 
_diffrn_radiation.inhomogeneity                    ? 
_diffrn_radiation.monochromator                    'Si(111)' 
_diffrn_radiation.polarisn_norm                    ? 
_diffrn_radiation.polarisn_ratio                   ? 
_diffrn_radiation.probe                            ? 
_diffrn_radiation.type                             ? 
_diffrn_radiation.xray_symbol                      ? 
_diffrn_radiation.wavelength_id                    1 
_diffrn_radiation.pdbx_monochromatic_or_laue_m_l   M 
_diffrn_radiation.pdbx_wavelength_list             ? 
_diffrn_radiation.pdbx_wavelength                  ? 
_diffrn_radiation.pdbx_diffrn_protocol             'SINGLE WAVELENGTH' 
_diffrn_radiation.pdbx_analyzer                    ? 
_diffrn_radiation.pdbx_scattering_type             x-ray 
# 
_diffrn_radiation_wavelength.id           1 
_diffrn_radiation_wavelength.wavelength   0.979491 
_diffrn_radiation_wavelength.wt           1.0 
# 
_diffrn_source.current                     ? 
_diffrn_source.details                     ? 
_diffrn_source.diffrn_id                   1 
_diffrn_source.power                       ? 
_diffrn_source.size                        ? 
_diffrn_source.source                      SYNCHROTRON 
_diffrn_source.target                      ? 
_diffrn_source.type                        'BESSY BEAMLINE 14.2' 
_diffrn_source.voltage                     ? 
_diffrn_source.take-off_angle              ? 
_diffrn_source.pdbx_wavelength_list        0.979491 
_diffrn_source.pdbx_wavelength             ? 
_diffrn_source.pdbx_synchrotron_beamline   14.2 
_diffrn_source.pdbx_synchrotron_site       BESSY 
# 
_reflns.B_iso_Wilson_estimate            116 
_reflns.entry_id                         6ROU 
_reflns.data_reduction_details           ? 
_reflns.data_reduction_method            ? 
_reflns.d_resolution_high                2.9 
_reflns.d_resolution_low                 44.97 
_reflns.details                          ? 
_reflns.limit_h_max                      ? 
_reflns.limit_h_min                      ? 
_reflns.limit_k_max                      ? 
_reflns.limit_k_min                      ? 
_reflns.limit_l_max                      ? 
_reflns.limit_l_min                      ? 
_reflns.number_all                       ? 
_reflns.number_obs                       1758 
_reflns.observed_criterion               ? 
_reflns.observed_criterion_F_max         ? 
_reflns.observed_criterion_F_min         ? 
_reflns.observed_criterion_I_max         ? 
_reflns.observed_criterion_I_min         ? 
_reflns.observed_criterion_sigma_F       ? 
_reflns.observed_criterion_sigma_I       ? 
_reflns.percent_possible_obs             99.9 
_reflns.R_free_details                   ? 
_reflns.Rmerge_F_all                     ? 
_reflns.Rmerge_F_obs                     ? 
_reflns.Friedel_coverage                 ? 
_reflns.number_gt                        ? 
_reflns.threshold_expression             ? 
_reflns.pdbx_redundancy                  13.1 
_reflns.pdbx_Rmerge_I_obs                0.061 
_reflns.pdbx_Rmerge_I_all                ? 
_reflns.pdbx_Rsym_value                  ? 
_reflns.pdbx_netI_over_av_sigmaI         ? 
_reflns.pdbx_netI_over_sigmaI            20.0 
_reflns.pdbx_res_netI_over_av_sigmaI_2   ? 
_reflns.pdbx_res_netI_over_sigmaI_2      ? 
_reflns.pdbx_chi_squared                 0.98 
_reflns.pdbx_scaling_rejects             ? 
_reflns.pdbx_d_res_high_opt              ? 
_reflns.pdbx_d_res_low_opt               ? 
_reflns.pdbx_d_res_opt_method            ? 
_reflns.phase_calculation_details        ? 
_reflns.pdbx_Rrim_I_all                  0.064 
_reflns.pdbx_Rpim_I_all                  0.019 
_reflns.pdbx_d_opt                       ? 
_reflns.pdbx_number_measured_all         ? 
_reflns.pdbx_diffrn_id                   1 
_reflns.pdbx_ordinal                     1 
_reflns.pdbx_CC_half                     1.000 
_reflns.pdbx_R_split                     ? 
# 
_reflns_shell.d_res_high                  2.90 
_reflns_shell.d_res_low                   3.10 
_reflns_shell.meanI_over_sigI_all         ? 
_reflns_shell.meanI_over_sigI_obs         3.7 
_reflns_shell.number_measured_all         ? 
_reflns_shell.number_measured_obs         ? 
_reflns_shell.number_possible             ? 
_reflns_shell.number_unique_all           ? 
_reflns_shell.number_unique_obs           299 
_reflns_shell.percent_possible_all        100 
_reflns_shell.percent_possible_obs        ? 
_reflns_shell.Rmerge_F_all                ? 
_reflns_shell.Rmerge_F_obs                ? 
_reflns_shell.Rmerge_I_all                ? 
_reflns_shell.Rmerge_I_obs                0.710 
_reflns_shell.meanI_over_sigI_gt          ? 
_reflns_shell.meanI_over_uI_all           ? 
_reflns_shell.meanI_over_uI_gt            ? 
_reflns_shell.number_measured_gt          ? 
_reflns_shell.number_unique_gt            ? 
_reflns_shell.percent_possible_gt         ? 
_reflns_shell.Rmerge_F_gt                 ? 
_reflns_shell.Rmerge_I_gt                 ? 
_reflns_shell.pdbx_redundancy             14.7 
_reflns_shell.pdbx_Rsym_value             ? 
_reflns_shell.pdbx_chi_squared            0.88 
_reflns_shell.pdbx_netI_over_sigmaI_all   ? 
_reflns_shell.pdbx_netI_over_sigmaI_obs   ? 
_reflns_shell.pdbx_Rrim_I_all             0.735 
_reflns_shell.pdbx_Rpim_I_all             0.188 
_reflns_shell.pdbx_rejects                ? 
_reflns_shell.pdbx_ordinal                1 
_reflns_shell.pdbx_diffrn_id              1 
_reflns_shell.pdbx_CC_half                0.958 
_reflns_shell.pdbx_R_split                ? 
# 
_refine.aniso_B[1][1]                            ? 
_refine.aniso_B[1][2]                            ? 
_refine.aniso_B[1][3]                            ? 
_refine.aniso_B[2][2]                            ? 
_refine.aniso_B[2][3]                            ? 
_refine.aniso_B[3][3]                            ? 
_refine.B_iso_max                                ? 
_refine.B_iso_mean                               122 
_refine.B_iso_min                                ? 
_refine.correlation_coeff_Fo_to_Fc               ? 
_refine.correlation_coeff_Fo_to_Fc_free          ? 
_refine.details                                  ? 
_refine.diff_density_max                         ? 
_refine.diff_density_max_esd                     ? 
_refine.diff_density_min                         ? 
_refine.diff_density_min_esd                     ? 
_refine.diff_density_rms                         ? 
_refine.diff_density_rms_esd                     ? 
_refine.entry_id                                 6ROU 
_refine.pdbx_refine_id                           'X-RAY DIFFRACTION' 
_refine.ls_abs_structure_details                 ? 
_refine.ls_abs_structure_Flack                   ? 
_refine.ls_abs_structure_Flack_esd               ? 
_refine.ls_abs_structure_Rogers                  ? 
_refine.ls_abs_structure_Rogers_esd              ? 
_refine.ls_d_res_high                            2.902 
_refine.ls_d_res_low                             35.442 
_refine.ls_extinction_coef                       ? 
_refine.ls_extinction_coef_esd                   ? 
_refine.ls_extinction_expression                 ? 
_refine.ls_extinction_method                     ? 
_refine.ls_goodness_of_fit_all                   ? 
_refine.ls_goodness_of_fit_all_esd               ? 
_refine.ls_goodness_of_fit_obs                   ? 
_refine.ls_goodness_of_fit_obs_esd               ? 
_refine.ls_hydrogen_treatment                    ? 
_refine.ls_matrix_type                           ? 
_refine.ls_number_constraints                    ? 
_refine.ls_number_parameters                     ? 
_refine.ls_number_reflns_all                     ? 
_refine.ls_number_reflns_obs                     1726 
_refine.ls_number_reflns_R_free                  94 
_refine.ls_number_reflns_R_work                  ? 
_refine.ls_number_restraints                     ? 
_refine.ls_percent_reflns_obs                    99.65 
_refine.ls_percent_reflns_R_free                 5.5 
_refine.ls_R_factor_all                          ? 
_refine.ls_R_factor_obs                          0.2721 
_refine.ls_R_factor_R_free                       0.3115 
_refine.ls_R_factor_R_free_error                 ? 
_refine.ls_R_factor_R_free_error_details         ? 
_refine.ls_R_factor_R_work                       0.2640 
_refine.ls_R_Fsqd_factor_obs                     ? 
_refine.ls_R_I_factor_obs                        ? 
_refine.ls_redundancy_reflns_all                 ? 
_refine.ls_redundancy_reflns_obs                 ? 
_refine.ls_restrained_S_all                      ? 
_refine.ls_restrained_S_obs                      ? 
_refine.ls_shift_over_esd_max                    ? 
_refine.ls_shift_over_esd_mean                   ? 
_refine.ls_structure_factor_coef                 ? 
_refine.ls_weighting_details                     ? 
_refine.ls_weighting_scheme                      ? 
_refine.ls_wR_factor_all                         ? 
_refine.ls_wR_factor_obs                         ? 
_refine.ls_wR_factor_R_free                      ? 
_refine.ls_wR_factor_R_work                      ? 
_refine.occupancy_max                            ? 
_refine.occupancy_min                            ? 
_refine.solvent_model_details                    ? 
_refine.solvent_model_param_bsol                 ? 
_refine.solvent_model_param_ksol                 ? 
_refine.ls_R_factor_gt                           ? 
_refine.ls_goodness_of_fit_gt                    ? 
_refine.ls_goodness_of_fit_ref                   ? 
_refine.ls_shift_over_su_max                     ? 
_refine.ls_shift_over_su_max_lt                  ? 
_refine.ls_shift_over_su_mean                    ? 
_refine.ls_shift_over_su_mean_lt                 ? 
_refine.pdbx_ls_sigma_I                          ? 
_refine.pdbx_ls_sigma_F                          1.33 
_refine.pdbx_ls_sigma_Fsqd                       ? 
_refine.pdbx_data_cutoff_high_absF               ? 
_refine.pdbx_data_cutoff_high_rms_absF           ? 
_refine.pdbx_data_cutoff_low_absF                ? 
_refine.pdbx_isotropic_thermal_model             ? 
_refine.pdbx_ls_cross_valid_method               'FREE R-VALUE' 
_refine.pdbx_method_to_determine_struct          'MOLECULAR REPLACEMENT' 
_refine.pdbx_starting_model                      'Deposition ID D_1200013700' 
_refine.pdbx_stereochemistry_target_values       ? 
_refine.pdbx_R_Free_selection_details            RANDOM 
_refine.pdbx_stereochem_target_val_spec_case     ? 
_refine.pdbx_overall_ESU_R                       ? 
_refine.pdbx_overall_ESU_R_Free                  ? 
_refine.pdbx_solvent_vdw_probe_radii             1.11 
_refine.pdbx_solvent_ion_probe_radii             ? 
_refine.pdbx_solvent_shrinkage_radii             0.90 
_refine.pdbx_real_space_R                        ? 
_refine.pdbx_density_correlation                 ? 
_refine.pdbx_pd_number_of_powder_patterns        ? 
_refine.pdbx_pd_number_of_points                 ? 
_refine.pdbx_pd_meas_number_of_points            ? 
_refine.pdbx_pd_proc_ls_prof_R_factor            ? 
_refine.pdbx_pd_proc_ls_prof_wR_factor           ? 
_refine.pdbx_pd_Marquardt_correlation_coeff      ? 
_refine.pdbx_pd_Fsqrd_R_factor                   ? 
_refine.pdbx_pd_ls_matrix_band_width             ? 
_refine.pdbx_overall_phase_error                 34.46 
_refine.pdbx_overall_SU_R_free_Cruickshank_DPI   ? 
_refine.pdbx_overall_SU_R_free_Blow_DPI          ? 
_refine.pdbx_overall_SU_R_Blow_DPI               ? 
_refine.pdbx_TLS_residual_ADP_flag               ? 
_refine.pdbx_diffrn_id                           1 
_refine.overall_SU_B                             ? 
_refine.overall_SU_ML                            0.39 
_refine.overall_SU_R_Cruickshank_DPI             ? 
_refine.overall_SU_R_free                        ? 
_refine.overall_FOM_free_R_set                   ? 
_refine.overall_FOM_work_R_set                   ? 
_refine.pdbx_average_fsc_overall                 ? 
_refine.pdbx_average_fsc_work                    ? 
_refine.pdbx_average_fsc_free                    ? 
# 
_refine_hist.pdbx_refine_id                   'X-RAY DIFFRACTION' 
_refine_hist.cycle_id                         LAST 
_refine_hist.pdbx_number_atoms_protein        0 
_refine_hist.pdbx_number_atoms_nucleic_acid   366 
_refine_hist.pdbx_number_atoms_ligand         1 
_refine_hist.number_atoms_solvent             0 
_refine_hist.number_atoms_total               367 
_refine_hist.d_res_high                       2.902 
_refine_hist.d_res_low                        35.442 
# 
loop_
_refine_ls_restr.pdbx_refine_id 
_refine_ls_restr.criterion 
_refine_ls_restr.dev_ideal 
_refine_ls_restr.dev_ideal_target 
_refine_ls_restr.number 
_refine_ls_restr.rejects 
_refine_ls_restr.type 
_refine_ls_restr.weight 
_refine_ls_restr.pdbx_restraint_function 
'X-RAY DIFFRACTION' ? 0.010  ? 408 ? f_bond_d           ? ? 
'X-RAY DIFFRACTION' ? 1.015  ? 628 ? f_angle_d          ? ? 
'X-RAY DIFFRACTION' ? 22.366 ? 176 ? f_dihedral_angle_d ? ? 
'X-RAY DIFFRACTION' ? 0.052  ? 71  ? f_chiral_restr     ? ? 
'X-RAY DIFFRACTION' ? 0.005  ? 18  ? f_plane_restr      ? ? 
# 
_refine_ls_shell.pdbx_refine_id                   'X-RAY DIFFRACTION' 
_refine_ls_shell.d_res_high                       2.9 
_refine_ls_shell.d_res_low                        ? 
_refine_ls_shell.number_reflns_all                ? 
_refine_ls_shell.number_reflns_obs                ? 
_refine_ls_shell.number_reflns_R_free             ? 
_refine_ls_shell.number_reflns_R_work             ? 
_refine_ls_shell.percent_reflns_obs               ? 
_refine_ls_shell.percent_reflns_R_free            ? 
_refine_ls_shell.R_factor_all                     ? 
_refine_ls_shell.R_factor_obs                     ? 
_refine_ls_shell.R_factor_R_free                  ? 
_refine_ls_shell.R_factor_R_free_error            ? 
_refine_ls_shell.R_factor_R_work                  ? 
_refine_ls_shell.redundancy_reflns_all            ? 
_refine_ls_shell.redundancy_reflns_obs            ? 
_refine_ls_shell.wR_factor_all                    ? 
_refine_ls_shell.wR_factor_obs                    ? 
_refine_ls_shell.wR_factor_R_free                 ? 
_refine_ls_shell.wR_factor_R_work                 ? 
_refine_ls_shell.pdbx_total_number_of_bins_used   ? 
_refine_ls_shell.pdbx_phase_error                 ? 
_refine_ls_shell.pdbx_fsc_work                    ? 
_refine_ls_shell.pdbx_fsc_free                    ? 
# 
_struct.entry_id                     6ROU 
_struct.title                        'REP related 18-mer DNA' 
_struct.pdbx_model_details           ? 
_struct.pdbx_formula_weight          ? 
_struct.pdbx_formula_weight_method   ? 
_struct.pdbx_model_type_details      ? 
_struct.pdbx_CASP_flag               N 
# 
_struct_keywords.entry_id        6ROU 
_struct_keywords.text            'A-DNA, Duplex, non-canonical pairing, T-T mismatch, REP, DNA, Haemophilus parasuis' 
_struct_keywords.pdbx_keywords   DNA 
# 
loop_
_struct_asym.id 
_struct_asym.pdbx_blank_PDB_chainid_flag 
_struct_asym.pdbx_modified 
_struct_asym.entity_id 
_struct_asym.details 
A N N 1 ? 
B N N 2 ? 
C N N 2 ? 
# 
_struct_ref.id                         1 
_struct_ref.db_name                    PDB 
_struct_ref.db_code                    6ROU 
_struct_ref.pdbx_db_accession          6ROU 
_struct_ref.pdbx_db_isoform            ? 
_struct_ref.entity_id                  1 
_struct_ref.pdbx_seq_one_letter_code   ? 
_struct_ref.pdbx_align_begin           1 
# 
_struct_ref_seq.align_id                      1 
_struct_ref_seq.ref_id                        1 
_struct_ref_seq.pdbx_PDB_id_code              6ROU 
_struct_ref_seq.pdbx_strand_id                A 
_struct_ref_seq.seq_align_beg                 1 
_struct_ref_seq.pdbx_seq_align_beg_ins_code   ? 
_struct_ref_seq.seq_align_end                 18 
_struct_ref_seq.pdbx_seq_align_end_ins_code   ? 
_struct_ref_seq.pdbx_db_accession             6ROU 
_struct_ref_seq.db_align_beg                  1 
_struct_ref_seq.pdbx_db_align_beg_ins_code    ? 
_struct_ref_seq.db_align_end                  18 
_struct_ref_seq.pdbx_db_align_end_ins_code    ? 
_struct_ref_seq.pdbx_auth_seq_align_beg       1 
_struct_ref_seq.pdbx_auth_seq_align_end       18 
# 
_pdbx_struct_assembly.id                   1 
_pdbx_struct_assembly.details              author_and_software_defined_assembly 
_pdbx_struct_assembly.method_details       PISA 
_pdbx_struct_assembly.oligomeric_details   dimeric 
_pdbx_struct_assembly.oligomeric_count     2 
# 
loop_
_pdbx_struct_assembly_prop.biol_id 
_pdbx_struct_assembly_prop.type 
_pdbx_struct_assembly_prop.value 
_pdbx_struct_assembly_prop.details 
1 'ABSA (A^2)' 2160 ? 
1 MORE         -73  ? 
1 'SSA (A^2)'  6290 ? 
# 
_pdbx_struct_assembly_gen.assembly_id       1 
_pdbx_struct_assembly_gen.oper_expression   1,2 
_pdbx_struct_assembly_gen.asym_id_list      A,B,C 
# 
_pdbx_struct_assembly_auth_evidence.id                     1 
_pdbx_struct_assembly_auth_evidence.assembly_id            1 
_pdbx_struct_assembly_auth_evidence.experimental_support   none 
_pdbx_struct_assembly_auth_evidence.details                ? 
# 
loop_
_pdbx_struct_oper_list.id 
_pdbx_struct_oper_list.type 
_pdbx_struct_oper_list.name 
_pdbx_struct_oper_list.symmetry_operation 
_pdbx_struct_oper_list.matrix[1][1] 
_pdbx_struct_oper_list.matrix[1][2] 
_pdbx_struct_oper_list.matrix[1][3] 
_pdbx_struct_oper_list.vector[1] 
_pdbx_struct_oper_list.matrix[2][1] 
_pdbx_struct_oper_list.matrix[2][2] 
_pdbx_struct_oper_list.matrix[2][3] 
_pdbx_struct_oper_list.vector[2] 
_pdbx_struct_oper_list.matrix[3][1] 
_pdbx_struct_oper_list.matrix[3][2] 
_pdbx_struct_oper_list.matrix[3][3] 
_pdbx_struct_oper_list.vector[3] 
1 'identity operation'         1_555 x,y,z      1.0000000000 0.0000000000 0.0000000000  0.0000000000 0.0000000000 1.0000000000  0.0000000000  0.0000000000  0.0000000000  0.0000000000  1.0000000000  0.0000000000  
2 'crystal symmetry operation' 7_465 y-1,x+1,-z 0.1386008152 0.8598548337 -0.4913649144 0.0406304058 0.8598548337 -0.3506500917 -0.3710716619 -1.6125096325 -0.4913649144 -0.3710716619 -0.7879507235 -2.7276314394 
# 
loop_
_struct_conn.id 
_struct_conn.conn_type_id 
_struct_conn.pdbx_leaving_atom_flag 
_struct_conn.pdbx_PDB_id 
_struct_conn.ptnr1_label_asym_id 
_struct_conn.ptnr1_label_comp_id 
_struct_conn.ptnr1_label_seq_id 
_struct_conn.ptnr1_label_atom_id 
_struct_conn.pdbx_ptnr1_label_alt_id 
_struct_conn.pdbx_ptnr1_PDB_ins_code 
_struct_conn.pdbx_ptnr1_standard_comp_id 
_struct_conn.ptnr1_symmetry 
_struct_conn.ptnr2_label_asym_id 
_struct_conn.ptnr2_label_comp_id 
_struct_conn.ptnr2_label_seq_id 
_struct_conn.ptnr2_label_atom_id 
_struct_conn.pdbx_ptnr2_label_alt_id 
_struct_conn.pdbx_ptnr2_PDB_ins_code 
_struct_conn.ptnr1_auth_asym_id 
_struct_conn.ptnr1_auth_comp_id 
_struct_conn.ptnr1_auth_seq_id 
_struct_conn.ptnr2_auth_asym_id 
_struct_conn.ptnr2_auth_comp_id 
_struct_conn.ptnr2_auth_seq_id 
_struct_conn.ptnr2_symmetry 
_struct_conn.pdbx_ptnr3_label_atom_id 
_struct_conn.pdbx_ptnr3_label_seq_id 
_struct_conn.pdbx_ptnr3_label_comp_id 
_struct_conn.pdbx_ptnr3_label_asym_id 
_struct_conn.pdbx_ptnr3_label_alt_id 
_struct_conn.pdbx_ptnr3_PDB_ins_code 
_struct_conn.details 
_struct_conn.pdbx_dist_value 
_struct_conn.pdbx_value_order 
_struct_conn.pdbx_role 
metalc1  metalc ? ? A DT 9  O4 ? ? ? 1_555 B SR .  SR ? ? A DT 9  A SR 101 1_555 ? ? ? ? ? ? ?            2.353 ? ? 
metalc2  metalc ? ? A DT 9  O4 ? ? ? 1_555 B SR .  SR ? ? A DT 9  A SR 101 7_465 ? ? ? ? ? ? ?            2.353 ? ? 
hydrog1  hydrog ? ? A DG 1  N1 ? ? ? 1_555 A DC 18 N3 ? ? A DG 1  A DC 18  7_465 ? ? ? ? ? ? WATSON-CRICK ?     ? ? 
hydrog2  hydrog ? ? A DG 1  N2 ? ? ? 1_555 A DC 18 O2 ? ? A DG 1  A DC 18  7_465 ? ? ? ? ? ? WATSON-CRICK ?     ? ? 
hydrog3  hydrog ? ? A DG 1  O6 ? ? ? 1_555 A DC 18 N4 ? ? A DG 1  A DC 18  7_465 ? ? ? ? ? ? WATSON-CRICK ?     ? ? 
hydrog4  hydrog ? ? A DG 2  N1 ? ? ? 1_555 A DC 17 N3 ? ? A DG 2  A DC 17  7_465 ? ? ? ? ? ? WATSON-CRICK ?     ? ? 
hydrog5  hydrog ? ? A DG 2  N2 ? ? ? 1_555 A DC 17 O2 ? ? A DG 2  A DC 17  7_465 ? ? ? ? ? ? WATSON-CRICK ?     ? ? 
hydrog6  hydrog ? ? A DG 2  O6 ? ? ? 1_555 A DC 17 N4 ? ? A DG 2  A DC 17  7_465 ? ? ? ? ? ? WATSON-CRICK ?     ? ? 
hydrog7  hydrog ? ? A DT 3  N3 ? ? ? 1_555 A DA 16 N1 ? ? A DT 3  A DA 16  7_465 ? ? ? ? ? ? WATSON-CRICK ?     ? ? 
hydrog8  hydrog ? ? A DT 3  O4 ? ? ? 1_555 A DA 16 N6 ? ? A DT 3  A DA 16  7_465 ? ? ? ? ? ? WATSON-CRICK ?     ? ? 
hydrog9  hydrog ? ? A DG 4  N1 ? ? ? 1_555 A DC 15 N3 ? ? A DG 4  A DC 15  7_465 ? ? ? ? ? ? WATSON-CRICK ?     ? ? 
hydrog10 hydrog ? ? A DG 4  N2 ? ? ? 1_555 A DC 15 O2 ? ? A DG 4  A DC 15  7_465 ? ? ? ? ? ? WATSON-CRICK ?     ? ? 
hydrog11 hydrog ? ? A DG 4  O6 ? ? ? 1_555 A DC 15 N4 ? ? A DG 4  A DC 15  7_465 ? ? ? ? ? ? WATSON-CRICK ?     ? ? 
hydrog12 hydrog ? ? A DG 5  N1 ? ? ? 1_555 A DC 14 N3 ? ? A DG 5  A DC 14  7_465 ? ? ? ? ? ? WATSON-CRICK ?     ? ? 
hydrog13 hydrog ? ? A DG 5  N2 ? ? ? 1_555 A DC 14 O2 ? ? A DG 5  A DC 14  7_465 ? ? ? ? ? ? WATSON-CRICK ?     ? ? 
hydrog14 hydrog ? ? A DG 5  O6 ? ? ? 1_555 A DC 14 N4 ? ? A DG 5  A DC 14  7_465 ? ? ? ? ? ? WATSON-CRICK ?     ? ? 
hydrog15 hydrog ? ? A DG 6  N1 ? ? ? 1_555 A DC 13 N3 ? ? A DG 6  A DC 13  7_465 ? ? ? ? ? ? WATSON-CRICK ?     ? ? 
hydrog16 hydrog ? ? A DG 6  N2 ? ? ? 1_555 A DC 13 O2 ? ? A DG 6  A DC 13  7_465 ? ? ? ? ? ? WATSON-CRICK ?     ? ? 
hydrog17 hydrog ? ? A DG 6  O6 ? ? ? 1_555 A DC 13 N4 ? ? A DG 6  A DC 13  7_465 ? ? ? ? ? ? WATSON-CRICK ?     ? ? 
hydrog18 hydrog ? ? A DT 7  N3 ? ? ? 1_555 A DA 12 N1 ? ? A DT 7  A DA 12  7_465 ? ? ? ? ? ? WATSON-CRICK ?     ? ? 
hydrog19 hydrog ? ? A DT 7  O4 ? ? ? 1_555 A DA 12 N6 ? ? A DT 7  A DA 12  7_465 ? ? ? ? ? ? WATSON-CRICK ?     ? ? 
hydrog20 hydrog ? ? A DC 8  N3 ? ? ? 1_555 A DG 11 N1 ? ? A DC 8  A DG 11  7_465 ? ? ? ? ? ? WATSON-CRICK ?     ? ? 
hydrog21 hydrog ? ? A DC 8  N4 ? ? ? 1_555 A DG 11 O6 ? ? A DC 8  A DG 11  7_465 ? ? ? ? ? ? WATSON-CRICK ?     ? ? 
hydrog22 hydrog ? ? A DC 8  O2 ? ? ? 1_555 A DG 11 N2 ? ? A DC 8  A DG 11  7_465 ? ? ? ? ? ? WATSON-CRICK ?     ? ? 
hydrog23 hydrog ? ? A DT 9  N3 ? ? ? 1_555 A DT 10 O4 ? ? A DT 9  A DT 10  7_465 ? ? ? ? ? ? TYPE_16_PAIR ?     ? ? 
hydrog24 hydrog ? ? A DT 9  O2 ? ? ? 1_555 A DT 10 N3 ? ? A DT 9  A DT 10  7_465 ? ? ? ? ? ? TYPE_16_PAIR ?     ? ? 
hydrog25 hydrog ? ? A DT 10 N3 ? ? ? 1_555 A DT 9  O2 ? ? A DT 10 A DT 9   7_465 ? ? ? ? ? ? TYPE_16_PAIR ?     ? ? 
hydrog26 hydrog ? ? A DT 10 O4 ? ? ? 1_555 A DT 9  N3 ? ? A DT 10 A DT 9   7_465 ? ? ? ? ? ? TYPE_16_PAIR ?     ? ? 
hydrog27 hydrog ? ? A DG 11 N1 ? ? ? 1_555 A DC 8  N3 ? ? A DG 11 A DC 8   7_465 ? ? ? ? ? ? WATSON-CRICK ?     ? ? 
hydrog28 hydrog ? ? A DG 11 N2 ? ? ? 1_555 A DC 8  O2 ? ? A DG 11 A DC 8   7_465 ? ? ? ? ? ? WATSON-CRICK ?     ? ? 
hydrog29 hydrog ? ? A DG 11 O6 ? ? ? 1_555 A DC 8  N4 ? ? A DG 11 A DC 8   7_465 ? ? ? ? ? ? WATSON-CRICK ?     ? ? 
hydrog30 hydrog ? ? A DA 12 N1 ? ? ? 1_555 A DT 7  N3 ? ? A DA 12 A DT 7   7_465 ? ? ? ? ? ? WATSON-CRICK ?     ? ? 
hydrog31 hydrog ? ? A DA 12 N6 ? ? ? 1_555 A DT 7  O4 ? ? A DA 12 A DT 7   7_465 ? ? ? ? ? ? WATSON-CRICK ?     ? ? 
hydrog32 hydrog ? ? A DC 13 N3 ? ? ? 1_555 A DG 6  N1 ? ? A DC 13 A DG 6   7_465 ? ? ? ? ? ? WATSON-CRICK ?     ? ? 
hydrog33 hydrog ? ? A DC 13 N4 ? ? ? 1_555 A DG 6  O6 ? ? A DC 13 A DG 6   7_465 ? ? ? ? ? ? WATSON-CRICK ?     ? ? 
hydrog34 hydrog ? ? A DC 13 O2 ? ? ? 1_555 A DG 6  N2 ? ? A DC 13 A DG 6   7_465 ? ? ? ? ? ? WATSON-CRICK ?     ? ? 
hydrog35 hydrog ? ? A DC 14 N3 ? ? ? 1_555 A DG 5  N1 ? ? A DC 14 A DG 5   7_465 ? ? ? ? ? ? WATSON-CRICK ?     ? ? 
hydrog36 hydrog ? ? A DC 14 N4 ? ? ? 1_555 A DG 5  O6 ? ? A DC 14 A DG 5   7_465 ? ? ? ? ? ? WATSON-CRICK ?     ? ? 
hydrog37 hydrog ? ? A DC 14 O2 ? ? ? 1_555 A DG 5  N2 ? ? A DC 14 A DG 5   7_465 ? ? ? ? ? ? WATSON-CRICK ?     ? ? 
hydrog38 hydrog ? ? A DC 15 N3 ? ? ? 1_555 A DG 4  N1 ? ? A DC 15 A DG 4   7_465 ? ? ? ? ? ? WATSON-CRICK ?     ? ? 
hydrog39 hydrog ? ? A DC 15 N4 ? ? ? 1_555 A DG 4  O6 ? ? A DC 15 A DG 4   7_465 ? ? ? ? ? ? WATSON-CRICK ?     ? ? 
hydrog40 hydrog ? ? A DC 15 O2 ? ? ? 1_555 A DG 4  N2 ? ? A DC 15 A DG 4   7_465 ? ? ? ? ? ? WATSON-CRICK ?     ? ? 
hydrog41 hydrog ? ? A DA 16 N1 ? ? ? 1_555 A DT 3  N3 ? ? A DA 16 A DT 3   7_465 ? ? ? ? ? ? WATSON-CRICK ?     ? ? 
hydrog42 hydrog ? ? A DA 16 N6 ? ? ? 1_555 A DT 3  O4 ? ? A DA 16 A DT 3   7_465 ? ? ? ? ? ? WATSON-CRICK ?     ? ? 
hydrog43 hydrog ? ? A DC 17 N3 ? ? ? 1_555 A DG 2  N1 ? ? A DC 17 A DG 2   7_465 ? ? ? ? ? ? WATSON-CRICK ?     ? ? 
hydrog44 hydrog ? ? A DC 17 N4 ? ? ? 1_555 A DG 2  O6 ? ? A DC 17 A DG 2   7_465 ? ? ? ? ? ? WATSON-CRICK ?     ? ? 
hydrog45 hydrog ? ? A DC 17 O2 ? ? ? 1_555 A DG 2  N2 ? ? A DC 17 A DG 2   7_465 ? ? ? ? ? ? WATSON-CRICK ?     ? ? 
hydrog46 hydrog ? ? A DC 18 N3 ? ? ? 1_555 A DG 1  N1 ? ? A DC 18 A DG 1   7_465 ? ? ? ? ? ? WATSON-CRICK ?     ? ? 
hydrog47 hydrog ? ? A DC 18 N4 ? ? ? 1_555 A DG 1  O6 ? ? A DC 18 A DG 1   7_465 ? ? ? ? ? ? WATSON-CRICK ?     ? ? 
hydrog48 hydrog ? ? A DC 18 O2 ? ? ? 1_555 A DG 1  N2 ? ? A DC 18 A DG 1   7_465 ? ? ? ? ? ? WATSON-CRICK ?     ? ? 
# 
loop_
_struct_conn_type.id 
_struct_conn_type.criteria 
_struct_conn_type.reference 
metalc ? ? 
hydrog ? ? 
# 
_pdbx_struct_conn_angle.id                    1 
_pdbx_struct_conn_angle.ptnr1_label_atom_id   O4 
_pdbx_struct_conn_angle.ptnr1_label_alt_id    ? 
_pdbx_struct_conn_angle.ptnr1_label_asym_id   A 
_pdbx_struct_conn_angle.ptnr1_label_comp_id   DT 
_pdbx_struct_conn_angle.ptnr1_label_seq_id    9 
_pdbx_struct_conn_angle.ptnr1_auth_atom_id    ? 
_pdbx_struct_conn_angle.ptnr1_auth_asym_id    A 
_pdbx_struct_conn_angle.ptnr1_auth_comp_id    DT 
_pdbx_struct_conn_angle.ptnr1_auth_seq_id     9 
_pdbx_struct_conn_angle.ptnr1_PDB_ins_code    ? 
_pdbx_struct_conn_angle.ptnr1_symmetry        1_555 
_pdbx_struct_conn_angle.ptnr2_label_atom_id   SR 
_pdbx_struct_conn_angle.ptnr2_label_alt_id    ? 
_pdbx_struct_conn_angle.ptnr2_label_asym_id   B 
_pdbx_struct_conn_angle.ptnr2_label_comp_id   SR 
_pdbx_struct_conn_angle.ptnr2_label_seq_id    . 
_pdbx_struct_conn_angle.ptnr2_auth_atom_id    ? 
_pdbx_struct_conn_angle.ptnr2_auth_asym_id    A 
_pdbx_struct_conn_angle.ptnr2_auth_comp_id    SR 
_pdbx_struct_conn_angle.ptnr2_auth_seq_id     101 
_pdbx_struct_conn_angle.ptnr2_PDB_ins_code    ? 
_pdbx_struct_conn_angle.ptnr2_symmetry        1_555 
_pdbx_struct_conn_angle.ptnr3_label_atom_id   O4 
_pdbx_struct_conn_angle.ptnr3_label_alt_id    ? 
_pdbx_struct_conn_angle.ptnr3_label_asym_id   A 
_pdbx_struct_conn_angle.ptnr3_label_comp_id   DT 
_pdbx_struct_conn_angle.ptnr3_label_seq_id    9 
_pdbx_struct_conn_angle.ptnr3_auth_atom_id    ? 
_pdbx_struct_conn_angle.ptnr3_auth_asym_id    A 
_pdbx_struct_conn_angle.ptnr3_auth_comp_id    DT 
_pdbx_struct_conn_angle.ptnr3_auth_seq_id     9 
_pdbx_struct_conn_angle.ptnr3_PDB_ins_code    ? 
_pdbx_struct_conn_angle.ptnr3_symmetry        1_555 
_pdbx_struct_conn_angle.value                 0.0 
_pdbx_struct_conn_angle.value_esd             ? 
# 
loop_
_struct_site.id 
_struct_site.pdbx_evidence_code 
_struct_site.pdbx_auth_asym_id 
_struct_site.pdbx_auth_comp_id 
_struct_site.pdbx_auth_seq_id 
_struct_site.pdbx_auth_ins_code 
_struct_site.pdbx_num_residues 
_struct_site.details 
AC1 Software A SR 101 ? 2 'binding site for residue SR A 101' 
AC2 Software A SR 102 ? 2 'binding site for residue SR A 102' 
# 
loop_
_struct_site_gen.id 
_struct_site_gen.site_id 
_struct_site_gen.pdbx_num_res 
_struct_site_gen.label_comp_id 
_struct_site_gen.label_asym_id 
_struct_site_gen.label_seq_id 
_struct_site_gen.pdbx_auth_ins_code 
_struct_site_gen.auth_comp_id 
_struct_site_gen.auth_asym_id 
_struct_site_gen.auth_seq_id 
_struct_site_gen.label_atom_id 
_struct_site_gen.label_alt_id 
_struct_site_gen.symmetry 
_struct_site_gen.details 
1 AC1 2 DT A 9 ? DT A 9 . ? 1_555 ? 
2 AC1 2 DT A 9 ? DT A 9 . ? 7_465 ? 
3 AC2 2 DG A 5 ? DG A 5 . ? 7_465 ? 
4 AC2 2 DG A 6 ? DG A 6 . ? 7_465 ? 
# 
loop_
_pdbx_validate_rmsd_bond.id 
_pdbx_validate_rmsd_bond.PDB_model_num 
_pdbx_validate_rmsd_bond.auth_atom_id_1 
_pdbx_validate_rmsd_bond.auth_asym_id_1 
_pdbx_validate_rmsd_bond.auth_comp_id_1 
_pdbx_validate_rmsd_bond.auth_seq_id_1 
_pdbx_validate_rmsd_bond.PDB_ins_code_1 
_pdbx_validate_rmsd_bond.label_alt_id_1 
_pdbx_validate_rmsd_bond.auth_atom_id_2 
_pdbx_validate_rmsd_bond.auth_asym_id_2 
_pdbx_validate_rmsd_bond.auth_comp_id_2 
_pdbx_validate_rmsd_bond.auth_seq_id_2 
_pdbx_validate_rmsd_bond.PDB_ins_code_2 
_pdbx_validate_rmsd_bond.label_alt_id_2 
_pdbx_validate_rmsd_bond.bond_value 
_pdbx_validate_rmsd_bond.bond_target_value 
_pdbx_validate_rmsd_bond.bond_deviation 
_pdbx_validate_rmsd_bond.bond_standard_deviation 
_pdbx_validate_rmsd_bond.linker_flag 
1 1 "O3'" A DG 11 ? ? "C3'" A DG 11 ? ? 1.377 1.419 -0.042 0.006 N 
2 1 "O3'" A DA 16 ? ? "C3'" A DA 16 ? ? 1.345 1.419 -0.074 0.006 N 
# 
loop_
_pdbx_validate_rmsd_angle.id 
_pdbx_validate_rmsd_angle.PDB_model_num 
_pdbx_validate_rmsd_angle.auth_atom_id_1 
_pdbx_validate_rmsd_angle.auth_asym_id_1 
_pdbx_validate_rmsd_angle.auth_comp_id_1 
_pdbx_validate_rmsd_angle.auth_seq_id_1 
_pdbx_validate_rmsd_angle.PDB_ins_code_1 
_pdbx_validate_rmsd_angle.label_alt_id_1 
_pdbx_validate_rmsd_angle.auth_atom_id_2 
_pdbx_validate_rmsd_angle.auth_asym_id_2 
_pdbx_validate_rmsd_angle.auth_comp_id_2 
_pdbx_validate_rmsd_angle.auth_seq_id_2 
_pdbx_validate_rmsd_angle.PDB_ins_code_2 
_pdbx_validate_rmsd_angle.label_alt_id_2 
_pdbx_validate_rmsd_angle.auth_atom_id_3 
_pdbx_validate_rmsd_angle.auth_asym_id_3 
_pdbx_validate_rmsd_angle.auth_comp_id_3 
_pdbx_validate_rmsd_angle.auth_seq_id_3 
_pdbx_validate_rmsd_angle.PDB_ins_code_3 
_pdbx_validate_rmsd_angle.label_alt_id_3 
_pdbx_validate_rmsd_angle.angle_value 
_pdbx_validate_rmsd_angle.angle_target_value 
_pdbx_validate_rmsd_angle.angle_deviation 
_pdbx_validate_rmsd_angle.angle_standard_deviation 
_pdbx_validate_rmsd_angle.linker_flag 
1 1 "O4'" A DT 7  ? ? "C1'" A DT 7  ? ? N1 A DT 7  ? ? 110.29 108.30 1.99 0.30 N 
2 1 "O4'" A DT 9  ? ? "C1'" A DT 9  ? ? N1 A DT 9  ? ? 110.11 108.30 1.81 0.30 N 
3 1 "O4'" A DA 12 ? ? "C1'" A DA 12 ? ? N9 A DA 12 ? ? 111.93 108.30 3.63 0.30 N 
4 1 "O4'" A DC 13 ? ? "C1'" A DC 13 ? ? N1 A DC 13 ? ? 110.67 108.30 2.37 0.30 N 
5 1 "O4'" A DC 15 ? ? "C1'" A DC 15 ? ? N1 A DC 15 ? ? 110.32 108.30 2.02 0.30 N 
# 
_pdbx_struct_special_symmetry.id              1 
_pdbx_struct_special_symmetry.PDB_model_num   1 
_pdbx_struct_special_symmetry.auth_asym_id    A 
_pdbx_struct_special_symmetry.auth_comp_id    SR 
_pdbx_struct_special_symmetry.auth_seq_id     101 
_pdbx_struct_special_symmetry.PDB_ins_code    ? 
_pdbx_struct_special_symmetry.label_asym_id   B 
_pdbx_struct_special_symmetry.label_comp_id   SR 
_pdbx_struct_special_symmetry.label_seq_id    . 
# 
loop_
_chem_comp_atom.comp_id 
_chem_comp_atom.atom_id 
_chem_comp_atom.type_symbol 
_chem_comp_atom.pdbx_aromatic_flag 
_chem_comp_atom.pdbx_stereo_config 
_chem_comp_atom.pdbx_ordinal 
DA OP3    O  N N 1   
DA P      P  N N 2   
DA OP1    O  N N 3   
DA OP2    O  N N 4   
DA "O5'"  O  N N 5   
DA "C5'"  C  N N 6   
DA "C4'"  C  N R 7   
DA "O4'"  O  N N 8   
DA "C3'"  C  N S 9   
DA "O3'"  O  N N 10  
DA "C2'"  C  N N 11  
DA "C1'"  C  N R 12  
DA N9     N  Y N 13  
DA C8     C  Y N 14  
DA N7     N  Y N 15  
DA C5     C  Y N 16  
DA C6     C  Y N 17  
DA N6     N  N N 18  
DA N1     N  Y N 19  
DA C2     C  Y N 20  
DA N3     N  Y N 21  
DA C4     C  Y N 22  
DA HOP3   H  N N 23  
DA HOP2   H  N N 24  
DA "H5'"  H  N N 25  
DA "H5''" H  N N 26  
DA "H4'"  H  N N 27  
DA "H3'"  H  N N 28  
DA "HO3'" H  N N 29  
DA "H2'"  H  N N 30  
DA "H2''" H  N N 31  
DA "H1'"  H  N N 32  
DA H8     H  N N 33  
DA H61    H  N N 34  
DA H62    H  N N 35  
DA H2     H  N N 36  
DC OP3    O  N N 37  
DC P      P  N N 38  
DC OP1    O  N N 39  
DC OP2    O  N N 40  
DC "O5'"  O  N N 41  
DC "C5'"  C  N N 42  
DC "C4'"  C  N R 43  
DC "O4'"  O  N N 44  
DC "C3'"  C  N S 45  
DC "O3'"  O  N N 46  
DC "C2'"  C  N N 47  
DC "C1'"  C  N R 48  
DC N1     N  N N 49  
DC C2     C  N N 50  
DC O2     O  N N 51  
DC N3     N  N N 52  
DC C4     C  N N 53  
DC N4     N  N N 54  
DC C5     C  N N 55  
DC C6     C  N N 56  
DC HOP3   H  N N 57  
DC HOP2   H  N N 58  
DC "H5'"  H  N N 59  
DC "H5''" H  N N 60  
DC "H4'"  H  N N 61  
DC "H3'"  H  N N 62  
DC "HO3'" H  N N 63  
DC "H2'"  H  N N 64  
DC "H2''" H  N N 65  
DC "H1'"  H  N N 66  
DC H41    H  N N 67  
DC H42    H  N N 68  
DC H5     H  N N 69  
DC H6     H  N N 70  
DG OP3    O  N N 71  
DG P      P  N N 72  
DG OP1    O  N N 73  
DG OP2    O  N N 74  
DG "O5'"  O  N N 75  
DG "C5'"  C  N N 76  
DG "C4'"  C  N R 77  
DG "O4'"  O  N N 78  
DG "C3'"  C  N S 79  
DG "O3'"  O  N N 80  
DG "C2'"  C  N N 81  
DG "C1'"  C  N R 82  
DG N9     N  Y N 83  
DG C8     C  Y N 84  
DG N7     N  Y N 85  
DG C5     C  Y N 86  
DG C6     C  N N 87  
DG O6     O  N N 88  
DG N1     N  N N 89  
DG C2     C  N N 90  
DG N2     N  N N 91  
DG N3     N  N N 92  
DG C4     C  Y N 93  
DG HOP3   H  N N 94  
DG HOP2   H  N N 95  
DG "H5'"  H  N N 96  
DG "H5''" H  N N 97  
DG "H4'"  H  N N 98  
DG "H3'"  H  N N 99  
DG "HO3'" H  N N 100 
DG "H2'"  H  N N 101 
DG "H2''" H  N N 102 
DG "H1'"  H  N N 103 
DG H8     H  N N 104 
DG H1     H  N N 105 
DG H21    H  N N 106 
DG H22    H  N N 107 
DT OP3    O  N N 108 
DT P      P  N N 109 
DT OP1    O  N N 110 
DT OP2    O  N N 111 
DT "O5'"  O  N N 112 
DT "C5'"  C  N N 113 
DT "C4'"  C  N R 114 
DT "O4'"  O  N N 115 
DT "C3'"  C  N S 116 
DT "O3'"  O  N N 117 
DT "C2'"  C  N N 118 
DT "C1'"  C  N R 119 
DT N1     N  N N 120 
DT C2     C  N N 121 
DT O2     O  N N 122 
DT N3     N  N N 123 
DT C4     C  N N 124 
DT O4     O  N N 125 
DT C5     C  N N 126 
DT C7     C  N N 127 
DT C6     C  N N 128 
DT HOP3   H  N N 129 
DT HOP2   H  N N 130 
DT "H5'"  H  N N 131 
DT "H5''" H  N N 132 
DT "H4'"  H  N N 133 
DT "H3'"  H  N N 134 
DT "HO3'" H  N N 135 
DT "H2'"  H  N N 136 
DT "H2''" H  N N 137 
DT "H1'"  H  N N 138 
DT H3     H  N N 139 
DT H71    H  N N 140 
DT H72    H  N N 141 
DT H73    H  N N 142 
DT H6     H  N N 143 
SR SR     SR N N 144 
# 
loop_
_chem_comp_bond.comp_id 
_chem_comp_bond.atom_id_1 
_chem_comp_bond.atom_id_2 
_chem_comp_bond.value_order 
_chem_comp_bond.pdbx_aromatic_flag 
_chem_comp_bond.pdbx_stereo_config 
_chem_comp_bond.pdbx_ordinal 
DA OP3   P      sing N N 1   
DA OP3   HOP3   sing N N 2   
DA P     OP1    doub N N 3   
DA P     OP2    sing N N 4   
DA P     "O5'"  sing N N 5   
DA OP2   HOP2   sing N N 6   
DA "O5'" "C5'"  sing N N 7   
DA "C5'" "C4'"  sing N N 8   
DA "C5'" "H5'"  sing N N 9   
DA "C5'" "H5''" sing N N 10  
DA "C4'" "O4'"  sing N N 11  
DA "C4'" "C3'"  sing N N 12  
DA "C4'" "H4'"  sing N N 13  
DA "O4'" "C1'"  sing N N 14  
DA "C3'" "O3'"  sing N N 15  
DA "C3'" "C2'"  sing N N 16  
DA "C3'" "H3'"  sing N N 17  
DA "O3'" "HO3'" sing N N 18  
DA "C2'" "C1'"  sing N N 19  
DA "C2'" "H2'"  sing N N 20  
DA "C2'" "H2''" sing N N 21  
DA "C1'" N9     sing N N 22  
DA "C1'" "H1'"  sing N N 23  
DA N9    C8     sing Y N 24  
DA N9    C4     sing Y N 25  
DA C8    N7     doub Y N 26  
DA C8    H8     sing N N 27  
DA N7    C5     sing Y N 28  
DA C5    C6     sing Y N 29  
DA C5    C4     doub Y N 30  
DA C6    N6     sing N N 31  
DA C6    N1     doub Y N 32  
DA N6    H61    sing N N 33  
DA N6    H62    sing N N 34  
DA N1    C2     sing Y N 35  
DA C2    N3     doub Y N 36  
DA C2    H2     sing N N 37  
DA N3    C4     sing Y N 38  
DC OP3   P      sing N N 39  
DC OP3   HOP3   sing N N 40  
DC P     OP1    doub N N 41  
DC P     OP2    sing N N 42  
DC P     "O5'"  sing N N 43  
DC OP2   HOP2   sing N N 44  
DC "O5'" "C5'"  sing N N 45  
DC "C5'" "C4'"  sing N N 46  
DC "C5'" "H5'"  sing N N 47  
DC "C5'" "H5''" sing N N 48  
DC "C4'" "O4'"  sing N N 49  
DC "C4'" "C3'"  sing N N 50  
DC "C4'" "H4'"  sing N N 51  
DC "O4'" "C1'"  sing N N 52  
DC "C3'" "O3'"  sing N N 53  
DC "C3'" "C2'"  sing N N 54  
DC "C3'" "H3'"  sing N N 55  
DC "O3'" "HO3'" sing N N 56  
DC "C2'" "C1'"  sing N N 57  
DC "C2'" "H2'"  sing N N 58  
DC "C2'" "H2''" sing N N 59  
DC "C1'" N1     sing N N 60  
DC "C1'" "H1'"  sing N N 61  
DC N1    C2     sing N N 62  
DC N1    C6     sing N N 63  
DC C2    O2     doub N N 64  
DC C2    N3     sing N N 65  
DC N3    C4     doub N N 66  
DC C4    N4     sing N N 67  
DC C4    C5     sing N N 68  
DC N4    H41    sing N N 69  
DC N4    H42    sing N N 70  
DC C5    C6     doub N N 71  
DC C5    H5     sing N N 72  
DC C6    H6     sing N N 73  
DG OP3   P      sing N N 74  
DG OP3   HOP3   sing N N 75  
DG P     OP1    doub N N 76  
DG P     OP2    sing N N 77  
DG P     "O5'"  sing N N 78  
DG OP2   HOP2   sing N N 79  
DG "O5'" "C5'"  sing N N 80  
DG "C5'" "C4'"  sing N N 81  
DG "C5'" "H5'"  sing N N 82  
DG "C5'" "H5''" sing N N 83  
DG "C4'" "O4'"  sing N N 84  
DG "C4'" "C3'"  sing N N 85  
DG "C4'" "H4'"  sing N N 86  
DG "O4'" "C1'"  sing N N 87  
DG "C3'" "O3'"  sing N N 88  
DG "C3'" "C2'"  sing N N 89  
DG "C3'" "H3'"  sing N N 90  
DG "O3'" "HO3'" sing N N 91  
DG "C2'" "C1'"  sing N N 92  
DG "C2'" "H2'"  sing N N 93  
DG "C2'" "H2''" sing N N 94  
DG "C1'" N9     sing N N 95  
DG "C1'" "H1'"  sing N N 96  
DG N9    C8     sing Y N 97  
DG N9    C4     sing Y N 98  
DG C8    N7     doub Y N 99  
DG C8    H8     sing N N 100 
DG N7    C5     sing Y N 101 
DG C5    C6     sing N N 102 
DG C5    C4     doub Y N 103 
DG C6    O6     doub N N 104 
DG C6    N1     sing N N 105 
DG N1    C2     sing N N 106 
DG N1    H1     sing N N 107 
DG C2    N2     sing N N 108 
DG C2    N3     doub N N 109 
DG N2    H21    sing N N 110 
DG N2    H22    sing N N 111 
DG N3    C4     sing N N 112 
DT OP3   P      sing N N 113 
DT OP3   HOP3   sing N N 114 
DT P     OP1    doub N N 115 
DT P     OP2    sing N N 116 
DT P     "O5'"  sing N N 117 
DT OP2   HOP2   sing N N 118 
DT "O5'" "C5'"  sing N N 119 
DT "C5'" "C4'"  sing N N 120 
DT "C5'" "H5'"  sing N N 121 
DT "C5'" "H5''" sing N N 122 
DT "C4'" "O4'"  sing N N 123 
DT "C4'" "C3'"  sing N N 124 
DT "C4'" "H4'"  sing N N 125 
DT "O4'" "C1'"  sing N N 126 
DT "C3'" "O3'"  sing N N 127 
DT "C3'" "C2'"  sing N N 128 
DT "C3'" "H3'"  sing N N 129 
DT "O3'" "HO3'" sing N N 130 
DT "C2'" "C1'"  sing N N 131 
DT "C2'" "H2'"  sing N N 132 
DT "C2'" "H2''" sing N N 133 
DT "C1'" N1     sing N N 134 
DT "C1'" "H1'"  sing N N 135 
DT N1    C2     sing N N 136 
DT N1    C6     sing N N 137 
DT C2    O2     doub N N 138 
DT C2    N3     sing N N 139 
DT N3    C4     sing N N 140 
DT N3    H3     sing N N 141 
DT C4    O4     doub N N 142 
DT C4    C5     sing N N 143 
DT C5    C7     sing N N 144 
DT C5    C6     doub N N 145 
DT C7    H71    sing N N 146 
DT C7    H72    sing N N 147 
DT C7    H73    sing N N 148 
DT C6    H6     sing N N 149 
# 
loop_
_ndb_struct_conf_na.entry_id 
_ndb_struct_conf_na.feature 
6ROU 'double helix'         
6ROU 'a-form double helix'  
6ROU 'mismatched base pair' 
# 
loop_
_ndb_struct_na_base_pair.model_number 
_ndb_struct_na_base_pair.i_label_asym_id 
_ndb_struct_na_base_pair.i_label_comp_id 
_ndb_struct_na_base_pair.i_label_seq_id 
_ndb_struct_na_base_pair.i_symmetry 
_ndb_struct_na_base_pair.j_label_asym_id 
_ndb_struct_na_base_pair.j_label_comp_id 
_ndb_struct_na_base_pair.j_label_seq_id 
_ndb_struct_na_base_pair.j_symmetry 
_ndb_struct_na_base_pair.shear 
_ndb_struct_na_base_pair.stretch 
_ndb_struct_na_base_pair.stagger 
_ndb_struct_na_base_pair.buckle 
_ndb_struct_na_base_pair.propeller 
_ndb_struct_na_base_pair.opening 
_ndb_struct_na_base_pair.pair_number 
_ndb_struct_na_base_pair.pair_name 
_ndb_struct_na_base_pair.i_auth_asym_id 
_ndb_struct_na_base_pair.i_auth_seq_id 
_ndb_struct_na_base_pair.i_PDB_ins_code 
_ndb_struct_na_base_pair.j_auth_asym_id 
_ndb_struct_na_base_pair.j_auth_seq_id 
_ndb_struct_na_base_pair.j_PDB_ins_code 
_ndb_struct_na_base_pair.hbond_type_28 
_ndb_struct_na_base_pair.hbond_type_12 
1 A DG 1  1_555 A DC 18 7_465 -0.826 -0.583 1.364  20.123  -14.490 -12.524 1  A_DG1:DC18_A A 1  ? A 18 ? 19 1 
1 A DG 2  1_555 A DC 17 7_465 0.177  -0.026 0.953  9.032   -17.046 2.789   2  A_DG2:DC17_A A 2  ? A 17 ? 19 1 
1 A DT 3  1_555 A DA 16 7_465 -0.851 -0.309 0.025  9.253   -33.297 1.632   3  A_DT3:DA16_A A 3  ? A 16 ? 20 1 
1 A DG 4  1_555 A DC 15 7_465 0.698  -0.313 0.755  5.682   -16.963 4.809   4  A_DG4:DC15_A A 4  ? A 15 ? 19 1 
1 A DG 5  1_555 A DC 14 7_465 0.523  -0.346 0.847  9.509   -5.933  -4.590  5  A_DG5:DC14_A A 5  ? A 14 ? 19 1 
1 A DG 6  1_555 A DC 13 7_465 -0.515 -0.089 -0.722 -36.375 -18.264 4.164   6  A_DG6:DC13_A A 6  ? A 13 ? 19 1 
1 A DT 7  1_555 A DA 12 7_465 -2.077 0.240  -0.454 -11.729 3.034   -25.042 7  A_DT7:DA12_A A 7  ? A 12 ? 20 1 
1 A DC 8  1_555 A DG 11 7_465 0.508  0.090  0.309  -2.666  -12.526 3.492   8  A_DC8:DG11_A A 8  ? A 11 ? 19 1 
1 A DT 9  1_555 A DT 10 7_465 2.541  -2.005 0.519  3.705   -32.807 19.126  9  A_DT9:DT10_A A 9  ? A 10 ? 16 1 
1 A DT 10 1_555 A DT 9  7_465 -2.541 -2.005 0.519  -3.705  -32.807 19.126  10 A_DT10:DT9_A A 10 ? A 9  ? 16 1 
1 A DG 11 1_555 A DC 8  7_465 -0.508 0.090  0.309  2.666   -12.526 3.492   11 A_DG11:DC8_A A 11 ? A 8  ? 19 1 
1 A DA 12 1_555 A DT 7  7_465 2.077  0.240  -0.454 11.729  3.034   -25.042 12 A_DA12:DT7_A A 12 ? A 7  ? 20 1 
1 A DC 13 1_555 A DG 6  7_465 0.515  -0.089 -0.722 36.375  -18.264 4.164   13 A_DC13:DG6_A A 13 ? A 6  ? 19 1 
1 A DC 14 1_555 A DG 5  7_465 -0.523 -0.346 0.847  -9.509  -5.933  -4.590  14 A_DC14:DG5_A A 14 ? A 5  ? 19 1 
1 A DC 15 1_555 A DG 4  7_465 -0.698 -0.313 0.755  -5.682  -16.963 4.809   15 A_DC15:DG4_A A 15 ? A 4  ? 19 1 
1 A DA 16 1_555 A DT 3  7_465 0.851  -0.309 0.025  -9.253  -33.297 1.632   16 A_DA16:DT3_A A 16 ? A 3  ? 20 1 
1 A DC 17 1_555 A DG 2  7_465 -0.177 -0.026 0.953  -9.032  -17.046 2.789   17 A_DC17:DG2_A A 17 ? A 2  ? 19 1 
1 A DC 18 1_555 A DG 1  7_465 0.826  -0.583 1.364  -20.123 -14.490 -12.524 18 A_DC18:DG1_A A 18 ? A 1  ? 19 1 
# 
loop_
_ndb_struct_na_base_pair_step.model_number 
_ndb_struct_na_base_pair_step.i_label_asym_id_1 
_ndb_struct_na_base_pair_step.i_label_comp_id_1 
_ndb_struct_na_base_pair_step.i_label_seq_id_1 
_ndb_struct_na_base_pair_step.i_symmetry_1 
_ndb_struct_na_base_pair_step.j_label_asym_id_1 
_ndb_struct_na_base_pair_step.j_label_comp_id_1 
_ndb_struct_na_base_pair_step.j_label_seq_id_1 
_ndb_struct_na_base_pair_step.j_symmetry_1 
_ndb_struct_na_base_pair_step.i_label_asym_id_2 
_ndb_struct_na_base_pair_step.i_label_comp_id_2 
_ndb_struct_na_base_pair_step.i_label_seq_id_2 
_ndb_struct_na_base_pair_step.i_symmetry_2 
_ndb_struct_na_base_pair_step.j_label_asym_id_2 
_ndb_struct_na_base_pair_step.j_label_comp_id_2 
_ndb_struct_na_base_pair_step.j_label_seq_id_2 
_ndb_struct_na_base_pair_step.j_symmetry_2 
_ndb_struct_na_base_pair_step.shift 
_ndb_struct_na_base_pair_step.slide 
_ndb_struct_na_base_pair_step.rise 
_ndb_struct_na_base_pair_step.tilt 
_ndb_struct_na_base_pair_step.roll 
_ndb_struct_na_base_pair_step.twist 
_ndb_struct_na_base_pair_step.x_displacement 
_ndb_struct_na_base_pair_step.y_displacement 
_ndb_struct_na_base_pair_step.helical_rise 
_ndb_struct_na_base_pair_step.inclination 
_ndb_struct_na_base_pair_step.tip 
_ndb_struct_na_base_pair_step.helical_twist 
_ndb_struct_na_base_pair_step.step_number 
_ndb_struct_na_base_pair_step.step_name 
_ndb_struct_na_base_pair_step.i_auth_asym_id_1 
_ndb_struct_na_base_pair_step.i_auth_seq_id_1 
_ndb_struct_na_base_pair_step.i_PDB_ins_code_1 
_ndb_struct_na_base_pair_step.j_auth_asym_id_1 
_ndb_struct_na_base_pair_step.j_auth_seq_id_1 
_ndb_struct_na_base_pair_step.j_PDB_ins_code_1 
_ndb_struct_na_base_pair_step.i_auth_asym_id_2 
_ndb_struct_na_base_pair_step.i_auth_seq_id_2 
_ndb_struct_na_base_pair_step.i_PDB_ins_code_2 
_ndb_struct_na_base_pair_step.j_auth_asym_id_2 
_ndb_struct_na_base_pair_step.j_auth_seq_id_2 
_ndb_struct_na_base_pair_step.j_PDB_ins_code_2 
1 A DG 1  1_555 A DC 18 7_465 A DG 2  1_555 A DC 17 7_465 1.283  -1.197 3.311 5.515   2.259  46.833 -1.685 -1.140 3.375 2.829   
-6.906  47.189 1  AA_DG1DG2:DC17DC18_AA A 1  ? A 18 ? A 2  ? A 17 ? 
1 A DG 2  1_555 A DC 17 7_465 A DT 3  1_555 A DA 16 7_465 0.292  -1.375 3.251 12.053  -1.633 30.990 -2.124 1.554  3.206 -2.919  
-21.546 33.237 2  AA_DG2DT3:DA16DC17_AA A 2  ? A 17 ? A 3  ? A 16 ? 
1 A DT 3  1_555 A DA 16 7_465 A DG 4  1_555 A DC 15 7_465 -0.199 -1.193 3.404 -5.412  6.283  34.525 -2.892 -0.479 3.140 10.401  
8.960   35.478 3  AA_DT3DG4:DC15DA16_AA A 3  ? A 16 ? A 4  ? A 15 ? 
1 A DG 4  1_555 A DC 15 7_465 A DG 5  1_555 A DC 14 7_465 -0.879 -1.935 2.763 -4.765  10.231 28.131 -5.291 0.944  2.067 20.056  
9.342   30.268 4  AA_DG4DG5:DC14DC15_AA A 4  ? A 15 ? A 5  ? A 14 ? 
1 A DG 5  1_555 A DC 14 7_465 A DG 6  1_555 A DC 13 7_465 0.637  -1.770 4.290 11.213  17.128 33.260 -5.213 0.716  3.108 26.983  
-17.664 38.903 5  AA_DG5DG6:DC13DC14_AA A 5  ? A 14 ? A 6  ? A 13 ? 
1 A DG 6  1_555 A DC 13 7_465 A DT 7  1_555 A DA 12 7_465 -2.168 -1.406 2.932 -2.720  -9.752 25.041 -0.496 3.945  3.440 -21.408 
5.971   26.980 6  AA_DG6DT7:DA12DC13_AA A 6  ? A 13 ? A 7  ? A 12 ? 
1 A DT 7  1_555 A DA 12 7_465 A DC 8  1_555 A DG 11 7_465 1.439  -1.376 3.131 -6.870  12.870 36.576 -3.355 -2.839 2.245 19.578  
10.450  39.286 7  AA_DT7DC8:DG11DA12_AA A 7  ? A 12 ? A 8  ? A 11 ? 
1 A DC 8  1_555 A DG 11 7_465 A DT 9  1_555 A DT 10 7_465 1.072  -0.608 2.975 4.518   8.047  37.385 -1.834 -1.117 2.893 12.325  
-6.921  38.468 8  AA_DC8DT9:DT10DG11_AA A 8  ? A 11 ? A 9  ? A 10 ? 
1 A DT 9  1_555 A DT 10 7_465 A DT 10 1_555 A DT 9  7_465 0.000  -0.336 3.372 0.000   14.970 19.664 -5.371 0.000  2.493 37.576  
0.000   24.669 9  AA_DT9DT10:DT9DT10_AA A 9  ? A 10 ? A 10 ? A 9  ? 
1 A DT 10 1_555 A DT 9  7_465 A DG 11 1_555 A DC 8  7_465 -1.072 -0.608 2.975 -4.518  8.047  37.385 -1.834 1.117  2.893 12.325  
6.921   38.468 10 AA_DT10DG11:DC8DT9_AA A 10 ? A 9  ? A 11 ? A 8  ? 
1 A DG 11 1_555 A DC 8  7_465 A DA 12 1_555 A DT 7  7_465 -1.439 -1.376 3.131 6.870   12.870 36.576 -3.355 2.839  2.245 19.578  
-10.450 39.286 11 AA_DG11DA12:DT7DC8_AA A 11 ? A 8  ? A 12 ? A 7  ? 
1 A DA 12 1_555 A DT 7  7_465 A DC 13 1_555 A DG 6  7_465 2.168  -1.406 2.932 2.720   -9.752 25.041 -0.496 -3.945 3.440 -21.408 
-5.971  26.980 12 AA_DA12DC13:DG6DT7_AA A 12 ? A 7  ? A 13 ? A 6  ? 
1 A DC 13 1_555 A DG 6  7_465 A DC 14 1_555 A DG 5  7_465 -0.637 -1.770 4.290 -11.213 17.128 33.260 -5.213 -0.716 3.108 26.983  
17.664  38.903 13 AA_DC13DC14:DG5DG6_AA A 13 ? A 6  ? A 14 ? A 5  ? 
1 A DC 14 1_555 A DG 5  7_465 A DC 15 1_555 A DG 4  7_465 0.879  -1.935 2.763 4.765   10.231 28.131 -5.291 -0.944 2.067 20.056  
-9.342  30.268 14 AA_DC14DC15:DG4DG5_AA A 14 ? A 5  ? A 15 ? A 4  ? 
1 A DC 15 1_555 A DG 4  7_465 A DA 16 1_555 A DT 3  7_465 0.199  -1.193 3.404 5.412   6.283  34.525 -2.892 0.479  3.140 10.401  
-8.960  35.478 15 AA_DC15DA16:DT3DG4_AA A 15 ? A 4  ? A 16 ? A 3  ? 
1 A DA 16 1_555 A DT 3  7_465 A DC 17 1_555 A DG 2  7_465 -0.292 -1.375 3.251 -12.053 -1.633 30.990 -2.124 -1.554 3.206 -2.919  
21.546  33.237 16 AA_DA16DC17:DG2DT3_AA A 16 ? A 3  ? A 17 ? A 2  ? 
1 A DC 17 1_555 A DG 2  7_465 A DC 18 1_555 A DG 1  7_465 -1.283 -1.197 3.311 -5.515  2.259  46.833 -1.685 1.140  3.375 2.829   
6.906   47.189 17 AA_DC17DC18:DG1DG2_AA A 17 ? A 2  ? A 18 ? A 1  ? 
# 
loop_
_pdbx_audit_support.funding_organization 
_pdbx_audit_support.country 
_pdbx_audit_support.grant_number 
_pdbx_audit_support.ordinal 
'Ministry of Education (Czech Republic)' 'Czech Republic' 'CZ.02.1.01/0.0/0.0/16_013/0001776)' 1 
'Ministry of Education (Czech Republic)' 'Czech Republic' CZ.02.1.01/0.0/0.0/16_019/0000778    2 
# 
_pdbx_initial_refinement_model.accession_code   6ROR 
_pdbx_initial_refinement_model.id               1 
_pdbx_initial_refinement_model.entity_id_list   ? 
_pdbx_initial_refinement_model.type             'experimental model' 
_pdbx_initial_refinement_model.source_name      PDB 
_pdbx_initial_refinement_model.details          'Deposition ID D_1200013700' 
# 
_atom_sites.entry_id                    6ROU 
_atom_sites.fract_transf_matrix[1][1]   0.02586022 
_atom_sites.fract_transf_matrix[1][2]   -0.00190936 
_atom_sites.fract_transf_matrix[1][3]   0.00026841 
_atom_sites.fract_transf_matrix[2][1]   0.00181058 
_atom_sites.fract_transf_matrix[2][2]   0.02280595 
_atom_sites.fract_transf_matrix[2][3]   -0.01220979 
_atom_sites.fract_transf_matrix[3][1]   0.00028425 
_atom_sites.fract_transf_matrix[3][2]   0.00522880 
_atom_sites.fract_transf_matrix[3][3]   0.00980872 
_atom_sites.fract_transf_vector[1]      -0.563405 
_atom_sites.fract_transf_vector[2]      0.440008 
_atom_sites.fract_transf_vector[3]      0.017587 
# 
loop_
_atom_type.symbol 
C  
N  
O  
P  
SR 
# 
loop_
_atom_site.group_PDB 
_atom_site.id 
_atom_site.type_symbol 
_atom_site.label_atom_id 
_atom_site.label_alt_id 
_atom_site.label_comp_id 
_atom_site.label_asym_id 
_atom_site.label_entity_id 
_atom_site.label_seq_id 
_atom_site.pdbx_PDB_ins_code 
_atom_site.Cartn_x 
_atom_site.Cartn_y 
_atom_site.Cartn_z 
_atom_site.occupancy 
_atom_site.B_iso_or_equiv 
_atom_site.pdbx_formal_charge 
_atom_site.auth_seq_id 
_atom_site.auth_comp_id 
_atom_site.auth_asym_id 
_atom_site.auth_atom_id 
_atom_site.pdbx_PDB_model_num 
ATOM   1   O  "O5'" . DG A 1 1  ? 6.638   -25.775 -4.297  1.00 107.77 ? 1   DG A "O5'" 1 
ATOM   2   C  "C5'" . DG A 1 1  ? 6.633   -24.706 -3.333  1.00 105.95 ? 1   DG A "C5'" 1 
ATOM   3   C  "C4'" . DG A 1 1  ? 7.875   -24.748 -2.450  1.00 101.88 ? 1   DG A "C4'" 1 
ATOM   4   O  "O4'" . DG A 1 1  ? 9.031   -25.070 -3.264  1.00 105.32 ? 1   DG A "O4'" 1 
ATOM   5   C  "C3'" . DG A 1 1  ? 8.256   -23.432 -1.794  1.00 104.70 ? 1   DG A "C3'" 1 
ATOM   6   O  "O3'" . DG A 1 1  ? 7.536   -23.231 -0.596  1.00 106.27 ? 1   DG A "O3'" 1 
ATOM   7   C  "C2'" . DG A 1 1  ? 9.736   -23.653 -1.512  1.00 102.47 ? 1   DG A "C2'" 1 
ATOM   8   C  "C1'" . DG A 1 1  ? 10.174  -24.374 -2.773  1.00 106.77 ? 1   DG A "C1'" 1 
ATOM   9   N  N9    . DG A 1 1  ? 10.679  -23.474 -3.816  1.00 107.05 ? 1   DG A N9    1 
ATOM   10  C  C8    . DG A 1 1  ? 10.023  -23.086 -4.961  1.00 100.28 ? 1   DG A C8    1 
ATOM   11  N  N7    . DG A 1 1  ? 10.718  -22.277 -5.713  1.00 101.90 ? 1   DG A N7    1 
ATOM   12  C  C5    . DG A 1 1  ? 11.915  -22.117 -5.026  1.00 101.93 ? 1   DG A C5    1 
ATOM   13  C  C6    . DG A 1 1  ? 13.059  -21.352 -5.359  1.00 106.42 ? 1   DG A C6    1 
ATOM   14  O  O6    . DG A 1 1  ? 13.243  -20.645 -6.363  1.00 106.04 ? 1   DG A O6    1 
ATOM   15  N  N1    . DG A 1 1  ? 14.053  -21.455 -4.385  1.00 102.11 ? 1   DG A N1    1 
ATOM   16  C  C2    . DG A 1 1  ? 13.957  -22.206 -3.239  1.00 101.05 ? 1   DG A C2    1 
ATOM   17  N  N2    . DG A 1 1  ? 15.027  -22.178 -2.421  1.00 98.54  ? 1   DG A N2    1 
ATOM   18  N  N3    . DG A 1 1  ? 12.889  -22.933 -2.915  1.00 100.85 ? 1   DG A N3    1 
ATOM   19  C  C4    . DG A 1 1  ? 11.908  -22.841 -3.853  1.00 102.58 ? 1   DG A C4    1 
ATOM   20  P  P     . DG A 1 2  ? 7.332   -21.739 -0.022  1.00 104.40 ? 2   DG A P     1 
ATOM   21  O  OP1   . DG A 1 2  ? 6.764   -21.816 1.343   1.00 105.60 ? 2   DG A OP1   1 
ATOM   22  O  OP2   . DG A 1 2  ? 6.617   -20.999 -1.076  1.00 110.84 ? 2   DG A OP2   1 
ATOM   23  O  "O5'" . DG A 1 2  ? 8.810   -21.130 0.098   1.00 96.14  ? 2   DG A "O5'" 1 
ATOM   24  C  "C5'" . DG A 1 2  ? 9.298   -20.724 1.368   1.00 101.57 ? 2   DG A "C5'" 1 
ATOM   25  C  "C4'" . DG A 1 2  ? 10.750  -20.261 1.295   1.00 109.23 ? 2   DG A "C4'" 1 
ATOM   26  O  "O4'" . DG A 1 2  ? 11.458  -20.957 0.235   1.00 109.17 ? 2   DG A "O4'" 1 
ATOM   27  C  "C3'" . DG A 1 2  ? 10.946  -18.790 0.979   1.00 110.26 ? 2   DG A "C3'" 1 
ATOM   28  O  "O3'" . DG A 1 2  ? 10.841  -18.019 2.158   1.00 110.59 ? 2   DG A "O3'" 1 
ATOM   29  C  "C2'" . DG A 1 2  ? 12.359  -18.795 0.404   1.00 110.06 ? 2   DG A "C2'" 1 
ATOM   30  C  "C1'" . DG A 1 2  ? 12.273  -20.037 -0.474  1.00 105.27 ? 2   DG A "C1'" 1 
ATOM   31  N  N9    . DG A 1 2  ? 11.641  -19.795 -1.772  1.00 105.97 ? 2   DG A N9    1 
ATOM   32  C  C8    . DG A 1 2  ? 10.380  -20.195 -2.175  1.00 106.56 ? 2   DG A C8    1 
ATOM   33  N  N7    . DG A 1 2  ? 10.081  -19.846 -3.399  1.00 109.62 ? 2   DG A N7    1 
ATOM   34  C  C5    . DG A 1 2  ? 11.215  -19.171 -3.842  1.00 112.63 ? 2   DG A C5    1 
ATOM   35  C  C6    . DG A 1 2  ? 11.482  -18.564 -5.096  1.00 111.02 ? 2   DG A C6    1 
ATOM   36  O  O6    . DG A 1 2  ? 10.739  -18.501 -6.103  1.00 108.41 ? 2   DG A O6    1 
ATOM   37  N  N1    . DG A 1 2  ? 12.765  -17.994 -5.120  1.00 107.38 ? 2   DG A N1    1 
ATOM   38  C  C2    . DG A 1 2  ? 13.664  -18.010 -4.060  1.00 110.52 ? 2   DG A C2    1 
ATOM   39  N  N2    . DG A 1 2  ? 14.847  -17.408 -4.262  1.00 115.94 ? 2   DG A N2    1 
ATOM   40  N  N3    . DG A 1 2  ? 13.420  -18.575 -2.885  1.00 109.70 ? 2   DG A N3    1 
ATOM   41  C  C4    . DG A 1 2  ? 12.185  -19.135 -2.847  1.00 111.21 ? 2   DG A C4    1 
ATOM   42  P  P     . DT A 1 3  ? 10.072  -16.612 2.116   1.00 103.50 ? 3   DT A P     1 
ATOM   43  O  OP1   . DT A 1 3  ? 9.956   -16.162 3.526   1.00 109.60 ? 3   DT A OP1   1 
ATOM   44  O  OP2   . DT A 1 3  ? 8.859   -16.736 1.263   1.00 91.09  ? 3   DT A OP2   1 
ATOM   45  O  "O5'" . DT A 1 3  ? 11.120  -15.667 1.384   1.00 109.36 ? 3   DT A "O5'" 1 
ATOM   46  C  "C5'" . DT A 1 3  ? 12.355  -15.413 2.009   1.00 112.47 ? 3   DT A "C5'" 1 
ATOM   47  C  "C4'" . DT A 1 3  ? 13.347  -14.819 1.032   1.00 116.37 ? 3   DT A "C4'" 1 
ATOM   48  O  "O4'" . DT A 1 3  ? 13.454  -15.678 -0.134  1.00 108.98 ? 3   DT A "O4'" 1 
ATOM   49  C  "C3'" . DT A 1 3  ? 12.978  -13.460 0.445   1.00 124.75 ? 3   DT A "C3'" 1 
ATOM   50  O  "O3'" . DT A 1 3  ? 13.263  -12.371 1.369   1.00 125.79 ? 3   DT A "O3'" 1 
ATOM   51  C  "C2'" . DT A 1 3  ? 13.892  -13.442 -0.775  1.00 116.61 ? 3   DT A "C2'" 1 
ATOM   52  C  "C1'" . DT A 1 3  ? 13.718  -14.875 -1.275  1.00 108.37 ? 3   DT A "C1'" 1 
ATOM   53  N  N1    . DT A 1 3  ? 12.598  -15.008 -2.224  1.00 109.55 ? 3   DT A N1    1 
ATOM   54  C  C2    . DT A 1 3  ? 12.859  -14.840 -3.552  1.00 114.55 ? 3   DT A C2    1 
ATOM   55  O  O2    . DT A 1 3  ? 13.983  -14.598 -3.979  1.00 114.77 ? 3   DT A O2    1 
ATOM   56  N  N3    . DT A 1 3  ? 11.762  -14.971 -4.374  1.00 110.23 ? 3   DT A N3    1 
ATOM   57  C  C4    . DT A 1 3  ? 10.452  -15.241 -3.992  1.00 112.48 ? 3   DT A C4    1 
ATOM   58  O  O4    . DT A 1 3  ? 9.533   -15.341 -4.809  1.00 113.75 ? 3   DT A O4    1 
ATOM   59  C  C5    . DT A 1 3  ? 10.251  -15.394 -2.564  1.00 110.48 ? 3   DT A C5    1 
ATOM   60  C  C7    . DT A 1 3  ? 8.883   -15.683 -2.014  1.00 109.37 ? 3   DT A C7    1 
ATOM   61  C  C6    . DT A 1 3  ? 11.319  -15.272 -1.762  1.00 106.40 ? 3   DT A C6    1 
ATOM   62  P  P     . DG A 1 4  ? 12.376  -11.017 1.362   1.00 117.27 ? 4   DG A P     1 
ATOM   63  O  OP1   . DG A 1 4  ? 12.919  -10.191 2.452   1.00 123.15 ? 4   DG A OP1   1 
ATOM   64  O  OP2   . DG A 1 4  ? 10.923  -11.332 1.354   1.00 115.70 ? 4   DG A OP2   1 
ATOM   65  O  "O5'" . DG A 1 4  ? 12.759  -10.291 -0.019  1.00 119.92 ? 4   DG A "O5'" 1 
ATOM   66  C  "C5'" . DG A 1 4  ? 14.063  -9.736  -0.201  1.00 118.16 ? 4   DG A "C5'" 1 
ATOM   67  C  "C4'" . DG A 1 4  ? 14.292  -9.340  -1.655  1.00 119.67 ? 4   DG A "C4'" 1 
ATOM   68  O  "O4'" . DG A 1 4  ? 14.093  -10.492 -2.522  1.00 121.69 ? 4   DG A "O4'" 1 
ATOM   69  C  "C3'" . DG A 1 4  ? 13.348  -8.275  -2.201  1.00 118.57 ? 4   DG A "C3'" 1 
ATOM   70  O  "O3'" . DG A 1 4  ? 13.815  -6.957  -1.850  1.00 117.41 ? 4   DG A "O3'" 1 
ATOM   71  C  "C2'" . DG A 1 4  ? 13.442  -8.539  -3.703  1.00 118.25 ? 4   DG A "C2'" 1 
ATOM   72  C  "C1'" . DG A 1 4  ? 13.492  -10.074 -3.739  1.00 117.51 ? 4   DG A "C1'" 1 
ATOM   73  N  N9    . DG A 1 4  ? 12.168  -10.712 -3.868  1.00 114.83 ? 4   DG A N9    1 
ATOM   74  C  C8    . DG A 1 4  ? 11.382  -11.248 -2.862  1.00 111.52 ? 4   DG A C8    1 
ATOM   75  N  N7    . DG A 1 4  ? 10.246  -11.746 -3.291  1.00 108.86 ? 4   DG A N7    1 
ATOM   76  C  C5    . DG A 1 4  ? 10.282  -11.528 -4.667  1.00 109.52 ? 4   DG A C5    1 
ATOM   77  C  C6    . DG A 1 4  ? 9.333   -11.847 -5.670  1.00 112.43 ? 4   DG A C6    1 
ATOM   78  O  O6    . DG A 1 4  ? 8.232   -12.410 -5.544  1.00 106.90 ? 4   DG A O6    1 
ATOM   79  N  N1    . DG A 1 4  ? 9.773   -11.444 -6.933  1.00 111.01 ? 4   DG A N1    1 
ATOM   80  C  C2    . DG A 1 4  ? 10.973  -10.803 -7.187  1.00 112.33 ? 4   DG A C2    1 
ATOM   81  N  N2    . DG A 1 4  ? 11.231  -10.496 -8.462  1.00 112.12 ? 4   DG A N2    1 
ATOM   82  N  N3    . DG A 1 4  ? 11.864  -10.505 -6.264  1.00 106.64 ? 4   DG A N3    1 
ATOM   83  C  C4    . DG A 1 4  ? 11.459  -10.892 -5.032  1.00 112.39 ? 4   DG A C4    1 
ATOM   84  P  P     . DG A 1 5  ? 12.781  -5.749  -1.594  1.00 110.10 ? 5   DG A P     1 
ATOM   85  O  OP1   . DG A 1 5  ? 13.514  -4.501  -1.878  1.00 114.42 ? 5   DG A OP1   1 
ATOM   86  O  OP2   . DG A 1 5  ? 12.116  -5.932  -0.285  1.00 106.31 ? 5   DG A OP2   1 
ATOM   87  O  "O5'" . DG A 1 5  ? 11.694  -5.909  -2.748  1.00 112.37 ? 5   DG A "O5'" 1 
ATOM   88  C  "C5'" . DG A 1 5  ? 11.084  -4.754  -3.318  1.00 109.43 ? 5   DG A "C5'" 1 
ATOM   89  C  "C4'" . DG A 1 5  ? 11.500  -4.579  -4.774  1.00 109.75 ? 5   DG A "C4'" 1 
ATOM   90  O  "O4'" . DG A 1 5  ? 12.045  -5.830  -5.288  1.00 110.58 ? 5   DG A "O4'" 1 
ATOM   91  C  "C3'" . DG A 1 5  ? 10.371  -4.184  -5.733  1.00 106.99 ? 5   DG A "C3'" 1 
ATOM   92  O  "O3'" . DG A 1 5  ? 10.352  -2.776  -5.902  1.00 105.15 ? 5   DG A "O3'" 1 
ATOM   93  C  "C2'" . DG A 1 5  ? 10.772  -4.891  -7.022  1.00 107.40 ? 5   DG A "C2'" 1 
ATOM   94  C  "C1'" . DG A 1 5  ? 11.370  -6.186  -6.483  1.00 112.34 ? 5   DG A "C1'" 1 
ATOM   95  N  N9    . DG A 1 5  ? 10.363  -7.199  -6.158  1.00 113.96 ? 5   DG A N9    1 
ATOM   96  C  C8    . DG A 1 5  ? 10.204  -7.858  -4.964  1.00 114.63 ? 5   DG A C8    1 
ATOM   97  N  N7    . DG A 1 5  ? 9.207   -8.699  -4.959  1.00 116.24 ? 5   DG A N7    1 
ATOM   98  C  C5    . DG A 1 5  ? 8.670   -8.591  -6.228  1.00 109.91 ? 5   DG A C5    1 
ATOM   99  C  C6    . DG A 1 5  ? 7.568   -9.256  -6.805  1.00 109.59 ? 5   DG A C6    1 
ATOM   100 O  O6    . DG A 1 5  ? 6.825   -10.112 -6.294  1.00 115.41 ? 5   DG A O6    1 
ATOM   101 N  N1    . DG A 1 5  ? 7.358   -8.840  -8.109  1.00 112.75 ? 5   DG A N1    1 
ATOM   102 C  C2    . DG A 1 5  ? 8.118   -7.906  -8.772  1.00 109.98 ? 5   DG A C2    1 
ATOM   103 N  N2    . DG A 1 5  ? 7.768   -7.641  -10.035 1.00 118.02 ? 5   DG A N2    1 
ATOM   104 N  N3    . DG A 1 5  ? 9.150   -7.281  -8.246  1.00 100.71 ? 5   DG A N3    1 
ATOM   105 C  C4    . DG A 1 5  ? 9.372   -7.671  -6.980  1.00 105.58 ? 5   DG A C4    1 
ATOM   106 P  P     . DG A 1 6  ? 9.242   -1.876  -5.164  1.00 105.20 ? 6   DG A P     1 
ATOM   107 O  OP1   . DG A 1 6  ? 9.760   -0.506  -4.991  1.00 104.03 ? 6   DG A OP1   1 
ATOM   108 O  OP2   . DG A 1 6  ? 8.840   -2.551  -3.913  1.00 103.67 ? 6   DG A OP2   1 
ATOM   109 O  "O5'" . DG A 1 6  ? 8.042   -1.864  -6.224  1.00 99.15  ? 6   DG A "O5'" 1 
ATOM   110 C  "C5'" . DG A 1 6  ? 8.223   -1.281  -7.504  1.00 97.77  ? 6   DG A "C5'" 1 
ATOM   111 C  "C4'" . DG A 1 6  ? 7.574   -2.122  -8.582  1.00 100.02 ? 6   DG A "C4'" 1 
ATOM   112 O  "O4'" . DG A 1 6  ? 7.939   -3.500  -8.388  1.00 100.37 ? 6   DG A "O4'" 1 
ATOM   113 C  "C3'" . DG A 1 6  ? 6.056   -2.137  -8.575  1.00 104.83 ? 6   DG A "C3'" 1 
ATOM   114 O  "O3'" . DG A 1 6  ? 5.555   -1.023  -9.263  1.00 104.71 ? 6   DG A "O3'" 1 
ATOM   115 C  "C2'" . DG A 1 6  ? 5.753   -3.421  -9.328  1.00 106.57 ? 6   DG A "C2'" 1 
ATOM   116 C  "C1'" . DG A 1 6  ? 6.904   -4.336  -8.890  1.00 107.11 ? 6   DG A "C1'" 1 
ATOM   117 N  N9    . DG A 1 6  ? 6.531   -5.298  -7.849  1.00 112.49 ? 6   DG A N9    1 
ATOM   118 C  C8    . DG A 1 6  ? 7.216   -5.569  -6.686  1.00 113.57 ? 6   DG A C8    1 
ATOM   119 N  N7    . DG A 1 6  ? 6.642   -6.476  -5.940  1.00 116.28 ? 6   DG A N7    1 
ATOM   120 C  C5    . DG A 1 6  ? 5.498   -6.825  -6.648  1.00 115.69 ? 6   DG A C5    1 
ATOM   121 C  C6    . DG A 1 6  ? 4.479   -7.753  -6.331  1.00 116.88 ? 6   DG A C6    1 
ATOM   122 O  O6    . DG A 1 6  ? 4.383   -8.481  -5.329  1.00 117.00 ? 6   DG A O6    1 
ATOM   123 N  N1    . DG A 1 6  ? 3.499   -7.790  -7.319  1.00 116.98 ? 6   DG A N1    1 
ATOM   124 C  C2    . DG A 1 6  ? 3.510   -7.030  -8.469  1.00 115.74 ? 6   DG A C2    1 
ATOM   125 N  N2    . DG A 1 6  ? 2.483   -7.203  -9.312  1.00 122.42 ? 6   DG A N2    1 
ATOM   126 N  N3    . DG A 1 6  ? 4.453   -6.159  -8.771  1.00 112.38 ? 6   DG A N3    1 
ATOM   127 C  C4    . DG A 1 6  ? 5.414   -6.108  -7.824  1.00 113.09 ? 6   DG A C4    1 
ATOM   128 P  P     . DT A 1 7  ? 4.791   0.133   -8.456  1.00 113.85 ? 7   DT A P     1 
ATOM   129 O  OP1   . DT A 1 7  ? 5.781   1.144   -8.031  1.00 119.01 ? 7   DT A OP1   1 
ATOM   130 O  OP2   . DT A 1 7  ? 3.915   -0.516  -7.461  1.00 117.91 ? 7   DT A OP2   1 
ATOM   131 O  "O5'" . DT A 1 7  ? 3.828   0.792   -9.533  1.00 120.01 ? 7   DT A "O5'" 1 
ATOM   132 C  "C5'" . DT A 1 7  ? 2.452   0.697   -9.342  1.00 121.22 ? 7   DT A "C5'" 1 
ATOM   133 C  "C4'" . DT A 1 7  ? 1.866   -0.417  -10.183 1.00 123.02 ? 7   DT A "C4'" 1 
ATOM   134 O  "O4'" . DT A 1 7  ? 2.528   -1.688  -9.934  1.00 119.44 ? 7   DT A "O4'" 1 
ATOM   135 C  "C3'" . DT A 1 7  ? 0.433   -0.735  -9.881  1.00 126.43 ? 7   DT A "C3'" 1 
ATOM   136 O  "O3'" . DT A 1 7  ? -0.407  0.299   -10.351 1.00 133.19 ? 7   DT A "O3'" 1 
ATOM   137 C  "C2'" . DT A 1 7  ? 0.286   -2.031  -10.658 1.00 122.33 ? 7   DT A "C2'" 1 
ATOM   138 C  "C1'" . DT A 1 7  ? 1.611   -2.733  -10.287 1.00 120.20 ? 7   DT A "C1'" 1 
ATOM   139 N  N1    . DT A 1 7  ? 1.469   -3.729  -9.129  1.00 120.84 ? 7   DT A N1    1 
ATOM   140 C  C2    . DT A 1 7  ? 0.519   -4.728  -9.215  1.00 120.37 ? 7   DT A C2    1 
ATOM   141 O  O2    . DT A 1 7  ? -0.215  -4.872  -10.174 1.00 121.19 ? 7   DT A O2    1 
ATOM   142 N  N3    . DT A 1 7  ? 0.456   -5.563  -8.126  1.00 122.37 ? 7   DT A N3    1 
ATOM   143 C  C4    . DT A 1 7  ? 1.227   -5.509  -6.982  1.00 121.60 ? 7   DT A C4    1 
ATOM   144 O  O4    . DT A 1 7  ? 1.103   -6.306  -6.058  1.00 123.48 ? 7   DT A O4    1 
ATOM   145 C  C5    . DT A 1 7  ? 2.196   -4.458  -6.946  1.00 117.25 ? 7   DT A C5    1 
ATOM   146 C  C7    . DT A 1 7  ? 3.076   -4.326  -5.746  1.00 116.40 ? 7   DT A C7    1 
ATOM   147 C  C6    . DT A 1 7  ? 2.279   -3.619  -8.008  1.00 116.88 ? 7   DT A C6    1 
ATOM   148 P  P     . DC A 1 8  ? -1.263  1.153   -9.291  1.00 149.08 ? 8   DC A P     1 
ATOM   149 O  OP1   . DC A 1 8  ? -1.689  2.428   -9.934  1.00 153.04 ? 8   DC A OP1   1 
ATOM   150 O  OP2   . DC A 1 8  ? -0.466  1.231   -8.040  1.00 134.10 ? 8   DC A OP2   1 
ATOM   151 O  "O5'" . DC A 1 8  ? -2.530  0.203   -9.038  1.00 133.90 ? 8   DC A "O5'" 1 
ATOM   152 C  "C5'" . DC A 1 8  ? -3.182  -0.388  -10.152 1.00 123.36 ? 8   DC A "C5'" 1 
ATOM   153 C  "C4'" . DC A 1 8  ? -3.776  -1.741  -9.802  1.00 121.25 ? 8   DC A "C4'" 1 
ATOM   154 O  "O4'" . DC A 1 8  ? -2.742  -2.664  -9.391  1.00 122.41 ? 8   DC A "O4'" 1 
ATOM   155 C  "C3'" . DC A 1 8  ? -4.718  -1.754  -8.629  1.00 124.98 ? 8   DC A "C3'" 1 
ATOM   156 O  "O3'" . DC A 1 8  ? -5.967  -1.206  -8.981  1.00 120.73 ? 8   DC A "O3'" 1 
ATOM   157 C  "C2'" . DC A 1 8  ? -4.801  -3.249  -8.357  1.00 122.79 ? 8   DC A "C2'" 1 
ATOM   158 C  "C1'" . DC A 1 8  ? -3.342  -3.671  -8.572  1.00 123.84 ? 8   DC A "C1'" 1 
ATOM   159 N  N1    . DC A 1 8  ? -2.555  -3.807  -7.295  1.00 128.35 ? 8   DC A N1    1 
ATOM   160 C  C2    . DC A 1 8  ? -2.887  -4.813  -6.370  1.00 131.70 ? 8   DC A C2    1 
ATOM   161 O  O2    . DC A 1 8  ? -3.829  -5.580  -6.618  1.00 133.33 ? 8   DC A O2    1 
ATOM   162 N  N3    . DC A 1 8  ? -2.163  -4.918  -5.227  1.00 130.39 ? 8   DC A N3    1 
ATOM   163 C  C4    . DC A 1 8  ? -1.151  -4.078  -4.994  1.00 130.15 ? 8   DC A C4    1 
ATOM   164 N  N4    . DC A 1 8  ? -0.465  -4.222  -3.851  1.00 135.26 ? 8   DC A N4    1 
ATOM   165 C  C5    . DC A 1 8  ? -0.799  -3.051  -5.918  1.00 129.52 ? 8   DC A C5    1 
ATOM   166 C  C6    . DC A 1 8  ? -1.518  -2.953  -7.043  1.00 127.73 ? 8   DC A C6    1 
ATOM   167 P  P     . DT A 1 9  ? -6.749  -0.291  -7.916  1.00 128.33 ? 9   DT A P     1 
ATOM   168 O  OP1   . DT A 1 9  ? -8.075  -0.003  -8.491  1.00 127.57 ? 9   DT A OP1   1 
ATOM   169 O  OP2   . DT A 1 9  ? -5.857  0.837   -7.554  1.00 132.37 ? 9   DT A OP2   1 
ATOM   170 O  "O5'" . DT A 1 9  ? -6.927  -1.250  -6.635  1.00 128.46 ? 9   DT A "O5'" 1 
ATOM   171 C  "C5'" . DT A 1 9  ? -7.780  -2.390  -6.716  1.00 126.88 ? 9   DT A "C5'" 1 
ATOM   172 C  "C4'" . DT A 1 9  ? -7.508  -3.395  -5.603  1.00 125.06 ? 9   DT A "C4'" 1 
ATOM   173 O  "O4'" . DT A 1 9  ? -6.103  -3.734  -5.536  1.00 123.46 ? 9   DT A "O4'" 1 
ATOM   174 C  "C3'" . DT A 1 9  ? -7.798  -2.925  -4.202  1.00 132.36 ? 9   DT A "C3'" 1 
ATOM   175 O  "O3'" . DT A 1 9  ? -9.197  -2.878  -3.962  1.00 132.39 ? 9   DT A "O3'" 1 
ATOM   176 C  "C2'" . DT A 1 9  ? -7.115  -4.033  -3.412  1.00 132.03 ? 9   DT A "C2'" 1 
ATOM   177 C  "C1'" . DT A 1 9  ? -5.831  -4.230  -4.230  1.00 126.75 ? 9   DT A "C1'" 1 
ATOM   178 N  N1    . DT A 1 9  ? -4.632  -3.516  -3.641  1.00 131.14 ? 9   DT A N1    1 
ATOM   179 C  C2    . DT A 1 9  ? -3.960  -4.102  -2.593  1.00 137.91 ? 9   DT A C2    1 
ATOM   180 O  O2    . DT A 1 9  ? -4.279  -5.178  -2.127  1.00 141.99 ? 9   DT A O2    1 
ATOM   181 N  N3    . DT A 1 9  ? -2.891  -3.382  -2.107  1.00 138.69 ? 9   DT A N3    1 
ATOM   182 C  C4    . DT A 1 9  ? -2.438  -2.155  -2.555  1.00 135.64 ? 9   DT A C4    1 
ATOM   183 O  O4    . DT A 1 9  ? -1.465  -1.586  -2.063  1.00 121.99 ? 9   DT A O4    1 
ATOM   184 C  C5    . DT A 1 9  ? -3.189  -1.593  -3.656  1.00 134.73 ? 9   DT A C5    1 
ATOM   185 C  C7    . DT A 1 9  ? -2.790  -0.268  -4.230  1.00 138.31 ? 9   DT A C7    1 
ATOM   186 C  C6    . DT A 1 9  ? -4.240  -2.290  -4.137  1.00 131.47 ? 9   DT A C6    1 
ATOM   187 P  P     . DT A 1 10 ? -9.897  -1.474  -3.599  1.00 136.14 ? 10  DT A P     1 
ATOM   188 O  OP1   . DT A 1 10 ? -11.086 -1.336  -4.450  1.00 143.21 ? 10  DT A OP1   1 
ATOM   189 O  OP2   . DT A 1 10 ? -8.872  -0.413  -3.633  1.00 138.57 ? 10  DT A OP2   1 
ATOM   190 O  "O5'" . DT A 1 10 ? -10.428 -1.664  -2.104  1.00 140.62 ? 10  DT A "O5'" 1 
ATOM   191 C  "C5'" . DT A 1 10 ? -11.514 -2.544  -1.848  1.00 141.72 ? 10  DT A "C5'" 1 
ATOM   192 C  "C4'" . DT A 1 10 ? -11.174 -3.489  -0.716  1.00 144.33 ? 10  DT A "C4'" 1 
ATOM   193 O  "O4'" . DT A 1 10 ? -9.813  -3.949  -0.880  1.00 145.29 ? 10  DT A "O4'" 1 
ATOM   194 C  "C3'" . DT A 1 10 ? -11.224 -2.862  0.668   1.00 150.93 ? 10  DT A "C3'" 1 
ATOM   195 O  "O3'" . DT A 1 10 ? -12.534 -3.002  1.217   1.00 154.85 ? 10  DT A "O3'" 1 
ATOM   196 C  "C2'" . DT A 1 10 ? -10.203 -3.683  1.453   1.00 149.58 ? 10  DT A "C2'" 1 
ATOM   197 C  "C1'" . DT A 1 10 ? -9.178  -4.061  0.384   1.00 147.94 ? 10  DT A "C1'" 1 
ATOM   198 N  N1    . DT A 1 10 ? -7.920  -3.213  0.389   1.00 147.85 ? 10  DT A N1    1 
ATOM   199 C  C2    . DT A 1 10 ? -6.936  -3.485  1.314   1.00 148.23 ? 10  DT A C2    1 
ATOM   200 O  O2    . DT A 1 10 ? -7.033  -4.371  2.153   1.00 147.33 ? 10  DT A O2    1 
ATOM   201 N  N3    . DT A 1 10 ? -5.824  -2.673  1.227   1.00 147.69 ? 10  DT A N3    1 
ATOM   202 C  C4    . DT A 1 10 ? -5.603  -1.639  0.322   1.00 144.86 ? 10  DT A C4    1 
ATOM   203 O  O4    . DT A 1 10 ? -4.570  -0.967  0.316   1.00 139.55 ? 10  DT A O4    1 
ATOM   204 C  C5    . DT A 1 10 ? -6.669  -1.410  -0.618  1.00 143.65 ? 10  DT A C5    1 
ATOM   205 C  C7    . DT A 1 10 ? -6.535  -0.318  -1.635  1.00 140.71 ? 10  DT A C7    1 
ATOM   206 C  C6    . DT A 1 10 ? -7.764  -2.197  -0.545  1.00 145.87 ? 10  DT A C6    1 
ATOM   207 P  P     . DG A 1 11 ? -13.370 -1.709  1.692   1.00 159.17 ? 11  DG A P     1 
ATOM   208 O  OP1   . DG A 1 11 ? -14.321 -2.186  2.723   1.00 148.52 ? 11  DG A OP1   1 
ATOM   209 O  OP2   . DG A 1 11 ? -13.850 -1.007  0.472   1.00 156.16 ? 11  DG A OP2   1 
ATOM   210 O  "O5'" . DG A 1 11 ? -12.282 -0.766  2.403   1.00 159.75 ? 11  DG A "O5'" 1 
ATOM   211 C  "C5'" . DG A 1 11 ? -12.532 -0.213  3.698   1.00 151.14 ? 11  DG A "C5'" 1 
ATOM   212 C  "C4'" . DG A 1 11 ? -11.968 -1.114  4.785   1.00 150.67 ? 11  DG A "C4'" 1 
ATOM   213 O  "O4'" . DG A 1 11 ? -11.038 -2.067  4.211   1.00 154.34 ? 11  DG A "O4'" 1 
ATOM   214 C  "C3'" . DG A 1 11 ? -11.207 -0.388  5.880   1.00 148.61 ? 11  DG A "C3'" 1 
ATOM   215 O  "O3'" . DG A 1 11 ? -12.058 -0.196  6.945   1.00 145.55 ? 11  DG A "O3'" 1 
ATOM   216 C  "C2'" . DG A 1 11 ? -10.091 -1.363  6.244   1.00 150.41 ? 11  DG A "C2'" 1 
ATOM   217 C  "C1'" . DG A 1 11 ? -9.806  -2.019  4.900   1.00 151.90 ? 11  DG A "C1'" 1 
ATOM   218 N  N9    . DG A 1 11 ? -8.853  -1.283  4.070   1.00 152.18 ? 11  DG A N9    1 
ATOM   219 C  C8    . DG A 1 11 ? -9.114  -0.653  2.873   1.00 155.27 ? 11  DG A C8    1 
ATOM   220 N  N7    . DG A 1 11 ? -8.070  -0.077  2.346   1.00 149.91 ? 11  DG A N7    1 
ATOM   221 C  C5    . DG A 1 11 ? -7.050  -0.340  3.248   1.00 148.88 ? 11  DG A C5    1 
ATOM   222 C  C6    . DG A 1 11 ? -5.691  0.023   3.202   1.00 146.13 ? 11  DG A C6    1 
ATOM   223 O  O6    . DG A 1 11 ? -5.108  0.694   2.336   1.00 145.91 ? 11  DG A O6    1 
ATOM   224 N  N1    . DG A 1 11 ? -4.992  -0.433  4.322   1.00 146.32 ? 11  DG A N1    1 
ATOM   225 C  C2    . DG A 1 11 ? -5.543  -1.171  5.348   1.00 149.63 ? 11  DG A C2    1 
ATOM   226 N  N2    . DG A 1 11 ? -4.707  -1.529  6.338   1.00 147.79 ? 11  DG A N2    1 
ATOM   227 N  N3    . DG A 1 11 ? -6.822  -1.533  5.398   1.00 153.55 ? 11  DG A N3    1 
ATOM   228 C  C4    . DG A 1 11 ? -7.514  -1.084  4.318   1.00 152.36 ? 11  DG A C4    1 
ATOM   229 P  P     . DA A 1 12 ? -12.687 1.247   7.200   1.00 143.47 ? 12  DA A P     1 
ATOM   230 O  OP1   . DA A 1 12 ? -14.147 1.146   7.001   1.00 144.17 ? 12  DA A OP1   1 
ATOM   231 O  OP2   . DA A 1 12 ? -11.933 2.221   6.380   1.00 147.87 ? 12  DA A OP2   1 
ATOM   232 O  "O5'" . DA A 1 12 ? -12.361 1.473   8.742   1.00 143.56 ? 12  DA A "O5'" 1 
ATOM   233 C  "C5'" . DA A 1 12 ? -11.425 0.606   9.400   1.00 142.18 ? 12  DA A "C5'" 1 
ATOM   234 C  "C4'" . DA A 1 12 ? -10.111 1.321   9.597   1.00 142.74 ? 12  DA A "C4'" 1 
ATOM   235 O  "O4'" . DA A 1 12 ? -9.240  1.043   8.469   1.00 141.92 ? 12  DA A "O4'" 1 
ATOM   236 C  "C3'" . DA A 1 12 ? -10.247 2.858   9.657   1.00 145.37 ? 12  DA A "C3'" 1 
ATOM   237 O  "O3'" . DA A 1 12 ? -9.902  3.393   10.959  1.00 155.53 ? 12  DA A "O3'" 1 
ATOM   238 C  "C2'" . DA A 1 12 ? -9.291  3.363   8.590   1.00 146.08 ? 12  DA A "C2'" 1 
ATOM   239 C  "C1'" . DA A 1 12 ? -8.408  2.158   8.315   1.00 146.14 ? 12  DA A "C1'" 1 
ATOM   240 N  N9    . DA A 1 12 ? -7.842  2.234   6.974   1.00 145.24 ? 12  DA A N9    1 
ATOM   241 C  C8    . DA A 1 12 ? -8.519  2.347   5.788   1.00 147.92 ? 12  DA A C8    1 
ATOM   242 N  N7    . DA A 1 12 ? -7.733  2.489   4.741   1.00 147.72 ? 12  DA A N7    1 
ATOM   243 C  C5    . DA A 1 12 ? -6.456  2.507   5.290   1.00 144.18 ? 12  DA A C5    1 
ATOM   244 C  C6    . DA A 1 12 ? -5.169  2.637   4.719   1.00 140.93 ? 12  DA A C6    1 
ATOM   245 N  N6    . DA A 1 12 ? -4.950  2.775   3.405   1.00 140.05 ? 12  DA A N6    1 
ATOM   246 N  N1    . DA A 1 12 ? -4.111  2.607   5.555   1.00 138.35 ? 12  DA A N1    1 
ATOM   247 C  C2    . DA A 1 12 ? -4.326  2.469   6.865   1.00 138.02 ? 12  DA A C2    1 
ATOM   248 N  N3    . DA A 1 12 ? -5.479  2.350   7.514   1.00 141.57 ? 12  DA A N3    1 
ATOM   249 C  C4    . DA A 1 12 ? -6.512  2.375   6.664   1.00 143.98 ? 12  DA A C4    1 
ATOM   250 P  P     . DC A 1 13 ? -10.035 4.983   11.258  1.00 162.52 ? 13  DC A P     1 
ATOM   251 O  OP1   . DC A 1 13 ? -10.312 5.195   12.700  1.00 157.21 ? 13  DC A OP1   1 
ATOM   252 O  OP2   . DC A 1 13 ? -10.917 5.574   10.224  1.00 148.97 ? 13  DC A OP2   1 
ATOM   253 O  "O5'" . DC A 1 13 ? -8.560  5.559   11.044  1.00 150.10 ? 13  DC A "O5'" 1 
ATOM   254 C  "C5'" . DC A 1 13 ? -7.556  5.279   12.009  1.00 143.94 ? 13  DC A "C5'" 1 
ATOM   255 C  "C4'" . DC A 1 13 ? -6.169  5.569   11.463  1.00 140.74 ? 13  DC A "C4'" 1 
ATOM   256 O  "O4'" . DC A 1 13 ? -5.972  4.925   10.174  1.00 142.72 ? 13  DC A "O4'" 1 
ATOM   257 C  "C3'" . DC A 1 13 ? -5.892  7.009   11.145  1.00 137.04 ? 13  DC A "C3'" 1 
ATOM   258 O  "O3'" . DC A 1 13 ? -5.702  7.755   12.320  1.00 127.52 ? 13  DC A "O3'" 1 
ATOM   259 C  "C2'" . DC A 1 13 ? -4.610  6.864   10.329  1.00 134.72 ? 13  DC A "C2'" 1 
ATOM   260 C  "C1'" . DC A 1 13 ? -4.930  5.622   9.483   1.00 136.64 ? 13  DC A "C1'" 1 
ATOM   261 N  N1    . DC A 1 13 ? -5.353  5.936   8.034   1.00 137.23 ? 13  DC A N1    1 
ATOM   262 C  C2    . DC A 1 13 ? -4.434  5.758   6.982   1.00 135.36 ? 13  DC A C2    1 
ATOM   263 O  O2    . DC A 1 13 ? -3.298  5.346   7.240   1.00 135.16 ? 13  DC A O2    1 
ATOM   264 N  N3    . DC A 1 13 ? -4.821  6.047   5.698   1.00 134.76 ? 13  DC A N3    1 
ATOM   265 C  C4    . DC A 1 13 ? -6.056  6.498   5.455   1.00 133.17 ? 13  DC A C4    1 
ATOM   266 N  N4    . DC A 1 13 ? -6.394  6.772   4.182   1.00 128.18 ? 13  DC A N4    1 
ATOM   267 C  C5    . DC A 1 13 ? -6.998  6.690   6.511   1.00 142.19 ? 13  DC A C5    1 
ATOM   268 C  C6    . DC A 1 13 ? -6.610  6.404   7.769   1.00 142.38 ? 13  DC A C6    1 
ATOM   269 P  P     . DC A 1 14 ? -5.849  9.351   12.257  1.00 129.86 ? 14  DC A P     1 
ATOM   270 O  OP1   . DC A 1 14 ? -5.987  9.810   13.644  1.00 138.18 ? 14  DC A OP1   1 
ATOM   271 O  OP2   . DC A 1 14 ? -6.943  9.715   11.319  1.00 135.40 ? 14  DC A OP2   1 
ATOM   272 O  "O5'" . DC A 1 14 ? -4.427  9.822   11.668  1.00 129.58 ? 14  DC A "O5'" 1 
ATOM   273 C  "C5'" . DC A 1 14 ? -3.217  9.388   12.311  1.00 124.58 ? 14  DC A "C5'" 1 
ATOM   274 C  "C4'" . DC A 1 14 ? -1.961  9.735   11.505  1.00 125.13 ? 14  DC A "C4'" 1 
ATOM   275 O  "O4'" . DC A 1 14 ? -1.810  8.838   10.369  1.00 121.75 ? 14  DC A "O4'" 1 
ATOM   276 C  "C3'" . DC A 1 14 ? -1.902  11.126  10.887  1.00 125.59 ? 14  DC A "C3'" 1 
ATOM   277 O  "O3'" . DC A 1 14 ? -1.528  12.116  11.854  1.00 133.32 ? 14  DC A "O3'" 1 
ATOM   278 C  "C2'" . DC A 1 14 ? -0.807  10.913  9.859   1.00 120.75 ? 14  DC A "C2'" 1 
ATOM   279 C  "C1'" . DC A 1 14 ? -1.229  9.562   9.285   1.00 122.94 ? 14  DC A "C1'" 1 
ATOM   280 N  N1    . DC A 1 14 ? -2.250  9.694   8.204   1.00 126.99 ? 14  DC A N1    1 
ATOM   281 C  C2    . DC A 1 14 ? -1.928  10.363  7.019   1.00 120.57 ? 14  DC A C2    1 
ATOM   282 O  O2    . DC A 1 14 ? -0.781  10.823  6.869   1.00 115.80 ? 14  DC A O2    1 
ATOM   283 N  N3    . DC A 1 14 ? -2.886  10.478  6.053   1.00 117.82 ? 14  DC A N3    1 
ATOM   284 C  C4    . DC A 1 14 ? -4.106  9.962   6.246   1.00 116.98 ? 14  DC A C4    1 
ATOM   285 N  N4    . DC A 1 14 ? -5.013  10.101  5.269   1.00 118.13 ? 14  DC A N4    1 
ATOM   286 C  C5    . DC A 1 14 ? -4.449  9.295   7.451   1.00 121.51 ? 14  DC A C5    1 
ATOM   287 C  C6    . DC A 1 14 ? -3.502  9.188   8.391   1.00 127.35 ? 14  DC A C6    1 
ATOM   288 P  P     . DC A 1 15 ? -2.336  13.510  11.945  1.00 141.29 ? 15  DC A P     1 
ATOM   289 O  OP1   . DC A 1 15 ? -2.025  14.189  13.235  1.00 144.04 ? 15  DC A OP1   1 
ATOM   290 O  OP2   . DC A 1 15 ? -3.730  13.185  11.564  1.00 134.67 ? 15  DC A OP2   1 
ATOM   291 O  "O5'" . DC A 1 15 ? -1.780  14.394  10.735  1.00 126.67 ? 15  DC A "O5'" 1 
ATOM   292 C  "C5'" . DC A 1 15 ? -0.397  14.478  10.474  1.00 122.86 ? 15  DC A "C5'" 1 
ATOM   293 C  "C4'" . DC A 1 15 ? -0.189  14.828  9.027   1.00 113.96 ? 15  DC A "C4'" 1 
ATOM   294 O  "O4'" . DC A 1 15 ? -0.866  13.848  8.207   1.00 117.22 ? 15  DC A "O4'" 1 
ATOM   295 C  "C3'" . DC A 1 15 ? -0.818  16.142  8.613   1.00 112.23 ? 15  DC A "C3'" 1 
ATOM   296 O  "O3'" . DC A 1 15 ? 0.060   17.231  8.926   1.00 112.21 ? 15  DC A "O3'" 1 
ATOM   297 C  "C2'" . DC A 1 15 ? -0.980  15.955  7.105   1.00 110.12 ? 15  DC A "C2'" 1 
ATOM   298 C  "C1'" . DC A 1 15 ? -1.147  14.432  6.947   1.00 115.07 ? 15  DC A "C1'" 1 
ATOM   299 N  N1    . DC A 1 15 ? -2.531  13.994  6.454   1.00 112.29 ? 15  DC A N1    1 
ATOM   300 C  C2    . DC A 1 15 ? -2.887  14.217  5.115   1.00 113.87 ? 15  DC A C2    1 
ATOM   301 O  O2    . DC A 1 15 ? -2.074  14.763  4.359   1.00 111.47 ? 15  DC A O2    1 
ATOM   302 N  N3    . DC A 1 15 ? -4.117  13.828  4.677   1.00 114.09 ? 15  DC A N3    1 
ATOM   303 C  C4    . DC A 1 15 ? -4.972  13.240  5.511   1.00 113.79 ? 15  DC A C4    1 
ATOM   304 N  N4    . DC A 1 15 ? -6.172  12.877  5.028   1.00 109.94 ? 15  DC A N4    1 
ATOM   305 C  C5    . DC A 1 15 ? -4.634  13.008  6.883   1.00 112.81 ? 15  DC A C5    1 
ATOM   306 C  C6    . DC A 1 15 ? -3.414  13.391  7.306   1.00 114.96 ? 15  DC A C6    1 
ATOM   307 P  P     . DA A 1 16 ? -0.513  18.721  9.152   1.00 119.04 ? 16  DA A P     1 
ATOM   308 O  OP1   . DA A 1 16 ? 0.485   19.428  10.002  1.00 101.30 ? 16  DA A OP1   1 
ATOM   309 O  OP2   . DA A 1 16 ? -1.898  18.585  9.650   1.00 119.71 ? 16  DA A OP2   1 
ATOM   310 O  "O5'" . DA A 1 16 ? -0.558  19.365  7.666   1.00 100.91 ? 16  DA A "O5'" 1 
ATOM   311 C  "C5'" . DA A 1 16 ? -1.776  19.878  7.110   1.00 88.61  ? 16  DA A "C5'" 1 
ATOM   312 C  "C4'" . DA A 1 16 ? -1.947  19.374  5.698   1.00 93.85  ? 16  DA A "C4'" 1 
ATOM   313 O  "O4'" . DA A 1 16 ? -2.500  18.066  5.734   1.00 101.22 ? 16  DA A "O4'" 1 
ATOM   314 C  "C3'" . DA A 1 16 ? -2.939  20.121  4.859   1.00 92.97  ? 16  DA A "C3'" 1 
ATOM   315 O  "O3'" . DA A 1 16 ? -2.359  21.230  4.366   1.00 92.49  ? 16  DA A "O3'" 1 
ATOM   316 C  "C2'" . DA A 1 16 ? -3.242  19.125  3.754   1.00 95.93  ? 16  DA A "C2'" 1 
ATOM   317 C  "C1'" . DA A 1 16 ? -3.163  17.807  4.508   1.00 101.04 ? 16  DA A "C1'" 1 
ATOM   318 N  N9    . DA A 1 16 ? -4.456  17.210  4.808   1.00 105.96 ? 16  DA A N9    1 
ATOM   319 C  C8    . DA A 1 16 ? -4.947  16.905  6.046   1.00 109.26 ? 16  DA A C8    1 
ATOM   320 N  N7    . DA A 1 16 ? -6.139  16.353  6.027   1.00 113.19 ? 16  DA A N7    1 
ATOM   321 C  C5    . DA A 1 16 ? -6.448  16.282  4.681   1.00 109.67 ? 16  DA A C5    1 
ATOM   322 C  C6    . DA A 1 16 ? -7.576  15.794  3.993   1.00 109.01 ? 16  DA A C6    1 
ATOM   323 N  N6    . DA A 1 16 ? -8.649  15.260  4.601   1.00 108.00 ? 16  DA A N6    1 
ATOM   324 N  N1    . DA A 1 16 ? -7.558  15.877  2.651   1.00 113.20 ? 16  DA A N1    1 
ATOM   325 C  C2    . DA A 1 16 ? -6.489  16.418  2.047   1.00 109.62 ? 16  DA A C2    1 
ATOM   326 N  N3    . DA A 1 16 ? -5.374  16.907  2.584   1.00 105.16 ? 16  DA A N3    1 
ATOM   327 C  C4    . DA A 1 16 ? -5.417  16.808  3.915   1.00 105.11 ? 16  DA A C4    1 
ATOM   328 P  P     . DC A 1 17 ? -3.065  22.605  4.706   1.00 100.90 ? 17  DC A P     1 
ATOM   329 O  OP1   . DC A 1 17 ? -2.058  23.685  4.666   1.00 107.80 ? 17  DC A OP1   1 
ATOM   330 O  OP2   . DC A 1 17 ? -3.829  22.288  5.937   1.00 89.44  ? 17  DC A OP2   1 
ATOM   331 O  "O5'" . DC A 1 17 ? -4.059  22.817  3.485   1.00 96.09  ? 17  DC A "O5'" 1 
ATOM   332 C  "C5'" . DC A 1 17 ? -3.553  23.242  2.254   1.00 98.74  ? 17  DC A "C5'" 1 
ATOM   333 C  "C4'" . DC A 1 17 ? -4.314  22.578  1.144   1.00 108.56 ? 17  DC A "C4'" 1 
ATOM   334 O  "O4'" . DC A 1 17 ? -4.614  21.221  1.541   1.00 106.97 ? 17  DC A "O4'" 1 
ATOM   335 C  "C3'" . DC A 1 17 ? -5.677  23.174  0.861   1.00 115.62 ? 17  DC A "C3'" 1 
ATOM   336 O  "O3'" . DC A 1 17 ? -5.564  24.336  0.030   1.00 124.32 ? 17  DC A "O3'" 1 
ATOM   337 C  "C2'" . DC A 1 17 ? -6.349  22.022  0.131   1.00 117.56 ? 17  DC A "C2'" 1 
ATOM   338 C  "C1'" . DC A 1 17 ? -5.805  20.804  0.894   1.00 113.43 ? 17  DC A "C1'" 1 
ATOM   339 N  N1    . DC A 1 17 ? -6.743  20.263  1.925   1.00 104.19 ? 17  DC A N1    1 
ATOM   340 C  C2    . DC A 1 17 ? -8.014  19.801  1.547   1.00 110.76 ? 17  DC A C2    1 
ATOM   341 O  O2    . DC A 1 17 ? -8.352  19.853  0.354   1.00 118.23 ? 17  DC A O2    1 
ATOM   342 N  N3    . DC A 1 17 ? -8.847  19.313  2.501   1.00 104.68 ? 17  DC A N3    1 
ATOM   343 C  C4    . DC A 1 17 ? -8.453  19.267  3.772   1.00 108.68 ? 17  DC A C4    1 
ATOM   344 N  N4    . DC A 1 17 ? -9.311  18.775  4.681   1.00 109.35 ? 17  DC A N4    1 
ATOM   345 C  C5    . DC A 1 17 ? -7.163  19.729  4.172   1.00 110.45 ? 17  DC A C5    1 
ATOM   346 C  C6    . DC A 1 17 ? -6.351  20.212  3.224   1.00 104.93 ? 17  DC A C6    1 
ATOM   347 P  P     . DC A 1 18 ? -6.714  25.470  0.048   1.00 138.38 ? 18  DC A P     1 
ATOM   348 O  OP1   . DC A 1 18 ? -6.249  26.587  -0.812  1.00 131.83 ? 18  DC A OP1   1 
ATOM   349 O  OP2   . DC A 1 18 ? -7.085  25.747  1.463   1.00 128.53 ? 18  DC A OP2   1 
ATOM   350 O  "O5'" . DC A 1 18 ? -7.962  24.763  -0.679  1.00 127.66 ? 18  DC A "O5'" 1 
ATOM   351 C  "C5'" . DC A 1 18 ? -7.858  24.389  -2.054  1.00 130.42 ? 18  DC A "C5'" 1 
ATOM   352 C  "C4'" . DC A 1 18 ? -9.177  23.858  -2.597  1.00 129.99 ? 18  DC A "C4'" 1 
ATOM   353 O  "O4'" . DC A 1 18 ? -9.419  22.526  -2.085  1.00 127.54 ? 18  DC A "O4'" 1 
ATOM   354 C  "C3'" . DC A 1 18 ? -10.412 24.666  -2.215  1.00 126.62 ? 18  DC A "C3'" 1 
ATOM   355 O  "O3'" . DC A 1 18 ? -10.628 25.696  -3.160  1.00 131.12 ? 18  DC A "O3'" 1 
ATOM   356 C  "C2'" . DC A 1 18 ? -11.507 23.619  -2.294  1.00 125.55 ? 18  DC A "C2'" 1 
ATOM   357 C  "C1'" . DC A 1 18 ? -10.790 22.394  -1.746  1.00 125.38 ? 18  DC A "C1'" 1 
ATOM   358 N  N1    . DC A 1 18 ? -10.891 22.254  -0.279  1.00 112.48 ? 18  DC A N1    1 
ATOM   359 C  C2    . DC A 1 18 ? -12.083 21.796  0.296   1.00 114.14 ? 18  DC A C2    1 
ATOM   360 O  O2    . DC A 1 18 ? -13.057 21.534  -0.436  1.00 116.70 ? 18  DC A O2    1 
ATOM   361 N  N3    . DC A 1 18 ? -12.142 21.653  1.637   1.00 111.38 ? 18  DC A N3    1 
ATOM   362 C  C4    . DC A 1 18 ? -11.081 21.940  2.385   1.00 111.87 ? 18  DC A C4    1 
ATOM   363 N  N4    . DC A 1 18 ? -11.189 21.780  3.705   1.00 112.55 ? 18  DC A N4    1 
ATOM   364 C  C5    . DC A 1 18 ? -9.863  22.405  1.817   1.00 115.23 ? 18  DC A C5    1 
ATOM   365 C  C6    . DC A 1 18 ? -9.813  22.541  0.496   1.00 111.06 ? 18  DC A C6    1 
HETATM 366 SR SR    . SR B 2 .  ? 0.525   -0.425  -1.582  0.50 133.10 ? 101 SR A SR    1 
HETATM 367 SR SR    . SR C 2 .  ? -6.262  8.014   0.206   1.00 154.57 ? 102 SR A SR    1 
# 
